data_8Z0Z
#
_entry.id   8Z0Z
#
_cell.length_a   1.00
_cell.length_b   1.00
_cell.length_c   1.00
_cell.angle_alpha   90.00
_cell.angle_beta   90.00
_cell.angle_gamma   90.00
#
_symmetry.space_group_name_H-M   'P 1'
#
loop_
_entity.id
_entity.type
_entity.pdbx_description
1 polymer 'P2X purinoceptor'
2 non-polymer 2-acetamido-2-deoxy-beta-D-glucopyranose
3 non-polymer JNJ-54175446
#
_entity_poly.entity_id   1
_entity_poly.type   'polypeptide(L)'
_entity_poly.pdbx_seq_one_letter_code
;GSSTNYGTIKWIFHALVFSYISFALISDKRYQKKEPLISSVHTKVKGIAEVKAEILENGMKKMVSGVFDTADYTFPLQGN
SFFVMTNFIKTEGQQQGLCPDFPTARTICSSDRGCKKGRMDPQSKGIQTGRCVVYKERLKTCEVSAWCPIEEVKDAPRPA
LLNSAENFTVLIKNNIDFPGHNYTTRNILPGVNITCTFHKTQNPQCPIFRLGDIFQETGDSFSDVAIQGGIMGIEIYWDC
NLDGWFHHCRPKYSFRRLDDKTTSESLYPGYNFRYAKYYKENNVEKRTLIKVFGIRFDILVFGTGGKFNVIQLAVYIGSV
ISYFGLATVFIDILINTYSASS
;
_entity_poly.pdbx_strand_id   A,B,C
#
loop_
_chem_comp.id
_chem_comp.type
_chem_comp.name
_chem_comp.formula
A1L0I non-polymer JNJ-54175446 'C18 H13 Cl F4 N6 O'
NAG D-saccharide, beta linking 2-acetamido-2-deoxy-beta-D-glucopyranose 'C8 H15 N O6'
#
# COMPACT_ATOMS: atom_id res chain seq x y z
N TRP A 11 9.37 58.02 17.83
CA TRP A 11 9.44 56.98 18.86
C TRP A 11 8.22 56.06 18.77
N ILE A 12 7.18 56.53 18.07
CA ILE A 12 5.99 55.71 17.87
C ILE A 12 6.33 54.50 17.01
N PHE A 13 7.23 54.67 16.05
CA PHE A 13 7.66 53.54 15.23
C PHE A 13 8.38 52.48 16.07
N HIS A 14 9.07 52.91 17.13
CA HIS A 14 9.73 51.96 18.02
C HIS A 14 8.72 51.00 18.65
N ALA A 15 7.51 51.48 18.94
CA ALA A 15 6.47 50.63 19.49
C ALA A 15 5.69 49.90 18.40
N LEU A 16 5.51 50.51 17.24
CA LEU A 16 4.83 49.83 16.13
C LEU A 16 5.62 48.61 15.68
N VAL A 17 6.95 48.74 15.60
CA VAL A 17 7.78 47.60 15.19
C VAL A 17 7.66 46.48 16.22
N PHE A 18 7.65 46.82 17.51
CA PHE A 18 7.51 45.79 18.55
C PHE A 18 6.14 45.14 18.50
N SER A 19 5.10 45.91 18.19
CA SER A 19 3.77 45.33 18.05
C SER A 19 3.73 44.34 16.89
N TYR A 20 4.32 44.72 15.75
CA TYR A 20 4.42 43.78 14.64
C TYR A 20 5.28 42.58 15.00
N ILE A 21 6.28 42.79 15.85
CA ILE A 21 7.16 41.72 16.31
C ILE A 21 6.35 40.67 17.04
N SER A 22 5.54 41.13 18.02
CA SER A 22 4.74 40.22 18.81
C SER A 22 3.66 39.57 17.96
N PHE A 23 3.10 40.31 17.00
CA PHE A 23 2.10 39.74 16.10
C PHE A 23 2.71 38.58 15.33
N ALA A 24 3.90 38.79 14.76
CA ALA A 24 4.55 37.70 14.02
C ALA A 24 4.85 36.51 14.92
N LEU A 25 5.39 36.78 16.11
CA LEU A 25 5.75 35.69 17.02
C LEU A 25 4.53 34.87 17.43
N ILE A 26 3.41 35.54 17.73
CA ILE A 26 2.23 34.82 18.19
C ILE A 26 1.56 34.08 17.03
N SER A 27 1.36 34.77 15.90
CA SER A 27 0.60 34.17 14.80
C SER A 27 1.38 33.04 14.13
N ASP A 28 2.65 33.28 13.80
CA ASP A 28 3.42 32.28 13.07
C ASP A 28 3.96 31.17 13.98
N LYS A 29 3.83 31.32 15.30
CA LYS A 29 4.36 30.34 16.26
C LYS A 29 5.84 30.10 16.02
N ARG A 30 6.60 31.19 15.93
CA ARG A 30 8.03 31.11 15.70
C ARG A 30 8.80 30.61 16.92
N TYR A 31 8.15 30.50 18.07
CA TYR A 31 8.77 29.99 19.29
C TYR A 31 8.64 28.48 19.41
N GLN A 32 8.09 27.79 18.42
CA GLN A 32 7.79 26.38 18.48
C GLN A 32 8.59 25.62 17.44
N LYS A 33 9.18 24.51 17.86
CA LYS A 33 9.74 23.54 16.93
C LYS A 33 8.61 22.69 16.37
N LYS A 34 8.56 22.58 15.05
CA LYS A 34 7.51 21.85 14.34
C LYS A 34 8.05 20.53 13.84
N GLU A 35 7.24 19.48 13.95
CA GLU A 35 7.63 18.13 13.60
C GLU A 35 6.55 17.49 12.72
N PRO A 36 6.95 16.72 11.71
CA PRO A 36 5.96 16.01 10.89
C PRO A 36 5.23 14.92 11.64
N LEU A 37 4.36 14.20 10.96
CA LEU A 37 3.41 13.28 11.58
C LEU A 37 3.58 11.88 11.01
N ILE A 38 3.47 10.87 11.87
CA ILE A 38 3.52 9.47 11.47
C ILE A 38 2.14 8.88 11.71
N SER A 39 1.52 8.35 10.66
CA SER A 39 0.10 8.01 10.68
C SER A 39 -0.11 6.53 10.37
N SER A 40 -1.16 5.95 10.95
CA SER A 40 -1.63 4.61 10.63
C SER A 40 -3.14 4.64 10.55
N VAL A 41 -3.70 4.00 9.52
CA VAL A 41 -5.12 4.08 9.21
C VAL A 41 -5.71 2.68 9.19
N HIS A 42 -6.91 2.53 9.75
CA HIS A 42 -7.64 1.27 9.75
C HIS A 42 -9.11 1.56 9.47
N THR A 43 -9.65 0.97 8.41
CA THR A 43 -11.00 1.28 7.97
C THR A 43 -11.88 0.04 7.98
N LYS A 44 -13.18 0.27 8.13
CA LYS A 44 -14.17 -0.81 8.09
C LYS A 44 -15.38 -0.31 7.33
N VAL A 45 -15.71 -1.00 6.22
CA VAL A 45 -16.81 -0.62 5.36
C VAL A 45 -17.96 -1.59 5.58
N LYS A 46 -19.18 -1.05 5.70
CA LYS A 46 -20.36 -1.86 5.94
C LYS A 46 -21.50 -1.42 5.02
N GLY A 47 -22.37 -2.39 4.71
CA GLY A 47 -23.49 -2.19 3.82
C GLY A 47 -23.68 -3.34 2.86
N ILE A 48 -24.93 -3.70 2.58
CA ILE A 48 -25.24 -4.78 1.65
C ILE A 48 -26.10 -4.20 0.53
N ALA A 49 -25.84 -4.66 -0.70
CA ALA A 49 -26.51 -4.14 -1.88
C ALA A 49 -27.26 -5.26 -2.58
N GLU A 50 -28.54 -5.01 -2.89
CA GLU A 50 -29.37 -5.96 -3.62
C GLU A 50 -29.31 -5.60 -5.10
N VAL A 51 -28.63 -6.41 -5.89
CA VAL A 51 -28.45 -6.16 -7.31
C VAL A 51 -29.53 -6.90 -8.08
N LYS A 52 -30.25 -6.19 -8.93
CA LYS A 52 -31.30 -6.79 -9.75
C LYS A 52 -31.43 -5.95 -11.01
N ALA A 53 -30.99 -6.49 -12.15
CA ALA A 53 -31.00 -5.75 -13.39
C ALA A 53 -31.00 -6.72 -14.57
N GLU A 54 -31.17 -6.16 -15.77
CA GLU A 54 -31.13 -6.91 -17.02
C GLU A 54 -30.06 -6.31 -17.92
N ILE A 55 -29.20 -7.17 -18.47
CA ILE A 55 -28.12 -6.75 -19.34
C ILE A 55 -28.22 -7.51 -20.67
N LEU A 56 -27.40 -7.08 -21.63
CA LEU A 56 -27.34 -7.70 -22.95
C LEU A 56 -25.93 -8.20 -23.18
N GLU A 57 -25.75 -9.53 -23.16
CA GLU A 57 -24.46 -10.15 -23.38
C GLU A 57 -24.51 -10.93 -24.69
N ASN A 58 -23.60 -10.62 -25.61
CA ASN A 58 -23.50 -11.29 -26.90
C ASN A 58 -24.84 -11.25 -27.65
N GLY A 59 -25.54 -10.14 -27.52
CA GLY A 59 -26.82 -9.99 -28.18
C GLY A 59 -27.95 -10.80 -27.58
N MET A 60 -27.81 -11.23 -26.33
CA MET A 60 -28.84 -12.00 -25.64
C MET A 60 -29.15 -11.36 -24.30
N LYS A 61 -30.44 -11.31 -23.96
CA LYS A 61 -30.86 -10.72 -22.69
C LYS A 61 -30.57 -11.68 -21.54
N LYS A 62 -29.98 -11.15 -20.48
CA LYS A 62 -29.66 -11.92 -19.29
C LYS A 62 -30.07 -11.13 -18.05
N MET A 63 -30.34 -11.84 -16.97
CA MET A 63 -30.79 -11.23 -15.71
C MET A 63 -29.71 -11.43 -14.66
N VAL A 64 -29.30 -10.35 -14.01
CA VAL A 64 -28.33 -10.39 -12.93
C VAL A 64 -29.09 -10.07 -11.64
N SER A 65 -29.14 -11.04 -10.73
CA SER A 65 -29.84 -10.89 -9.46
C SER A 65 -29.01 -11.52 -8.35
N GLY A 66 -28.91 -10.82 -7.23
CA GLY A 66 -28.16 -11.34 -6.10
C GLY A 66 -28.07 -10.32 -4.99
N VAL A 67 -27.39 -10.72 -3.93
CA VAL A 67 -27.13 -9.87 -2.76
C VAL A 67 -25.63 -9.84 -2.51
N PHE A 68 -25.08 -8.65 -2.38
CA PHE A 68 -23.65 -8.45 -2.16
C PHE A 68 -23.43 -7.95 -0.74
N ASP A 69 -22.66 -8.69 0.04
CA ASP A 69 -22.27 -8.29 1.39
C ASP A 69 -20.84 -7.76 1.36
N THR A 70 -20.28 -7.51 2.54
CA THR A 70 -18.98 -6.85 2.64
C THR A 70 -17.88 -7.67 1.96
N ALA A 71 -18.04 -8.99 1.90
CA ALA A 71 -17.01 -9.84 1.31
C ALA A 71 -17.09 -9.91 -0.21
N ASP A 72 -18.08 -9.27 -0.83
CA ASP A 72 -18.33 -9.42 -2.25
C ASP A 72 -18.04 -8.17 -3.08
N TYR A 73 -17.69 -7.04 -2.45
CA TYR A 73 -17.44 -5.83 -3.22
C TYR A 73 -16.25 -5.01 -2.72
N THR A 74 -15.41 -5.54 -1.85
CA THR A 74 -14.29 -4.77 -1.34
C THR A 74 -13.17 -5.72 -0.91
N PHE A 75 -12.01 -5.13 -0.63
CA PHE A 75 -10.83 -5.81 -0.16
C PHE A 75 -10.29 -5.11 1.07
N PRO A 76 -9.54 -5.81 1.92
CA PRO A 76 -8.97 -5.16 3.10
C PRO A 76 -8.04 -4.01 2.73
N LEU A 77 -8.02 -2.99 3.58
CA LEU A 77 -7.24 -1.79 3.30
C LEU A 77 -5.76 -2.12 3.15
N GLN A 78 -5.14 -1.54 2.13
CA GLN A 78 -3.71 -1.72 1.87
C GLN A 78 -3.15 -0.41 1.32
N GLY A 79 -2.12 0.11 1.97
CA GLY A 79 -1.51 1.36 1.55
C GLY A 79 -2.40 2.58 1.72
N ASN A 80 -3.12 2.66 2.84
CA ASN A 80 -3.95 3.83 3.16
C ASN A 80 -4.99 4.10 2.08
N SER A 81 -5.59 3.04 1.55
CA SER A 81 -6.61 3.18 0.52
C SER A 81 -7.43 1.90 0.46
N PHE A 82 -8.73 2.05 0.21
CA PHE A 82 -9.64 0.92 0.08
C PHE A 82 -10.49 1.10 -1.16
N PHE A 83 -10.93 -0.02 -1.73
CA PHE A 83 -11.64 -0.06 -2.99
C PHE A 83 -13.08 -0.54 -2.77
N VAL A 84 -14.03 0.14 -3.42
CA VAL A 84 -15.44 -0.21 -3.34
C VAL A 84 -15.94 -0.52 -4.75
N MET A 85 -16.35 -1.77 -4.96
CA MET A 85 -16.85 -2.19 -6.26
C MET A 85 -18.20 -1.57 -6.54
N THR A 86 -18.41 -1.15 -7.80
CA THR A 86 -19.67 -0.53 -8.20
C THR A 86 -20.27 -1.07 -9.48
N ASN A 87 -19.48 -1.67 -10.38
CA ASN A 87 -20.03 -2.19 -11.62
C ASN A 87 -19.10 -3.27 -12.15
N PHE A 88 -19.66 -4.20 -12.92
CA PHE A 88 -18.84 -5.29 -13.43
C PHE A 88 -19.44 -5.84 -14.73
N ILE A 89 -18.56 -6.39 -15.55
CA ILE A 89 -18.93 -7.13 -16.76
C ILE A 89 -18.24 -8.49 -16.70
N LYS A 90 -19.02 -9.55 -16.75
CA LYS A 90 -18.49 -10.90 -16.56
C LYS A 90 -18.45 -11.67 -17.87
N THR A 91 -17.36 -12.40 -18.09
CA THR A 91 -17.22 -13.31 -19.22
C THR A 91 -16.71 -14.63 -18.69
N GLU A 92 -17.49 -15.70 -18.86
CA GLU A 92 -17.18 -17.00 -18.30
C GLU A 92 -16.97 -18.02 -19.40
N GLY A 93 -16.13 -19.01 -19.13
CA GLY A 93 -15.89 -20.09 -20.05
C GLY A 93 -14.72 -19.90 -20.99
N GLN A 94 -13.85 -18.93 -20.73
CA GLN A 94 -12.70 -18.71 -21.61
C GLN A 94 -11.67 -19.82 -21.46
N GLN A 95 -11.03 -20.15 -22.58
CA GLN A 95 -9.95 -21.13 -22.58
C GLN A 95 -8.96 -20.76 -23.67
N GLN A 96 -7.72 -21.21 -23.51
CA GLN A 96 -6.68 -20.87 -24.48
C GLN A 96 -6.96 -21.52 -25.83
N GLY A 97 -6.78 -20.77 -26.90
CA GLY A 97 -6.95 -21.33 -28.22
C GLY A 97 -7.06 -20.25 -29.28
N LEU A 98 -7.44 -20.67 -30.49
CA LEU A 98 -7.58 -19.80 -31.64
C LEU A 98 -9.03 -19.34 -31.74
N CYS A 99 -9.24 -18.05 -31.95
CA CYS A 99 -10.58 -17.51 -32.10
C CYS A 99 -10.51 -16.20 -32.86
N PRO A 100 -11.52 -15.87 -33.65
CA PRO A 100 -11.53 -14.58 -34.33
C PRO A 100 -11.67 -13.43 -33.35
N ASP A 101 -11.05 -12.30 -33.69
CA ASP A 101 -11.15 -11.11 -32.86
C ASP A 101 -12.49 -10.43 -33.07
N PHE A 102 -12.83 -9.52 -32.16
CA PHE A 102 -14.06 -8.75 -32.29
C PHE A 102 -13.99 -7.88 -33.54
N PRO A 103 -15.09 -7.75 -34.29
CA PRO A 103 -15.08 -6.87 -35.47
C PRO A 103 -14.78 -5.41 -35.10
N THR A 104 -13.65 -4.91 -35.56
CA THR A 104 -13.23 -3.54 -35.31
C THR A 104 -12.50 -3.05 -36.55
N ALA A 105 -12.42 -1.73 -36.69
CA ALA A 105 -11.78 -1.16 -37.88
C ALA A 105 -10.35 -1.63 -38.05
N ARG A 106 -9.61 -1.77 -36.94
CA ARG A 106 -8.24 -2.24 -37.03
C ARG A 106 -8.16 -3.74 -37.27
N THR A 107 -9.10 -4.51 -36.71
CA THR A 107 -9.07 -5.95 -36.79
C THR A 107 -9.89 -6.53 -37.94
N ILE A 108 -10.47 -5.68 -38.78
CA ILE A 108 -11.30 -6.15 -39.89
C ILE A 108 -10.41 -6.57 -41.05
N CYS A 109 -10.90 -7.52 -41.85
CA CYS A 109 -10.19 -7.95 -43.04
C CYS A 109 -11.18 -8.55 -44.03
N SER A 110 -10.83 -8.46 -45.31
CA SER A 110 -11.58 -9.12 -46.37
C SER A 110 -10.89 -10.39 -46.86
N SER A 111 -9.56 -10.46 -46.74
CA SER A 111 -8.80 -11.65 -47.11
C SER A 111 -7.72 -11.87 -46.07
N ASP A 112 -7.00 -12.98 -46.21
CA ASP A 112 -5.94 -13.29 -45.26
C ASP A 112 -4.76 -12.33 -45.34
N ARG A 113 -4.63 -11.60 -46.44
CA ARG A 113 -3.54 -10.64 -46.59
C ARG A 113 -3.78 -9.35 -45.80
N GLY A 114 -4.96 -9.18 -45.22
CA GLY A 114 -5.24 -7.96 -44.48
C GLY A 114 -4.37 -7.80 -43.26
N CYS A 115 -4.13 -8.89 -42.53
CA CYS A 115 -3.32 -8.86 -41.33
C CYS A 115 -2.25 -9.93 -41.41
N LYS A 116 -1.11 -9.68 -40.76
CA LYS A 116 0.03 -10.58 -40.82
C LYS A 116 0.15 -11.38 -39.52
N LYS A 117 0.79 -12.54 -39.62
CA LYS A 117 1.00 -13.39 -38.46
C LYS A 117 2.00 -12.76 -37.50
N GLY A 118 1.72 -12.85 -36.20
CA GLY A 118 2.60 -12.33 -35.18
C GLY A 118 2.40 -10.88 -34.83
N ARG A 119 1.52 -10.16 -35.52
CA ARG A 119 1.29 -8.76 -35.23
C ARG A 119 0.60 -8.60 -33.88
N MET A 120 1.00 -7.56 -33.15
CA MET A 120 0.43 -7.24 -31.84
C MET A 120 -0.25 -5.89 -31.93
N ASP A 121 -1.53 -5.84 -31.54
CA ASP A 121 -2.23 -4.57 -31.58
C ASP A 121 -2.55 -4.09 -30.17
N PRO A 122 -2.40 -2.79 -29.91
CA PRO A 122 -2.70 -2.27 -28.56
C PRO A 122 -4.13 -2.50 -28.13
N GLN A 123 -5.09 -2.47 -29.05
CA GLN A 123 -6.50 -2.65 -28.73
C GLN A 123 -6.93 -4.11 -28.74
N SER A 124 -6.03 -5.03 -29.04
CA SER A 124 -6.34 -6.45 -29.10
C SER A 124 -5.63 -7.19 -27.97
N LYS A 125 -6.26 -8.29 -27.53
CA LYS A 125 -5.75 -9.10 -26.43
C LYS A 125 -5.25 -10.46 -26.89
N GLY A 126 -4.82 -10.58 -28.15
CA GLY A 126 -4.38 -11.86 -28.66
C GLY A 126 -3.23 -11.72 -29.64
N ILE A 127 -2.53 -12.83 -29.83
CA ILE A 127 -1.42 -12.91 -30.76
C ILE A 127 -1.97 -13.27 -32.12
N GLN A 128 -1.75 -12.39 -33.09
CA GLN A 128 -2.34 -12.55 -34.41
C GLN A 128 -1.65 -13.66 -35.19
N THR A 129 -2.44 -14.46 -35.91
CA THR A 129 -1.93 -15.59 -36.67
C THR A 129 -2.14 -15.44 -38.17
N GLY A 130 -2.87 -14.41 -38.61
CA GLY A 130 -3.05 -14.17 -40.03
C GLY A 130 -3.92 -15.18 -40.75
N ARG A 131 -5.20 -15.21 -40.40
CA ARG A 131 -6.15 -16.07 -41.10
C ARG A 131 -7.54 -15.45 -40.97
N CYS A 132 -8.00 -14.78 -42.02
CA CYS A 132 -9.26 -14.06 -42.00
C CYS A 132 -10.40 -15.06 -42.14
N VAL A 133 -11.05 -15.39 -41.02
CA VAL A 133 -12.14 -16.35 -40.99
C VAL A 133 -13.44 -15.62 -40.66
N VAL A 134 -14.55 -16.30 -40.94
CA VAL A 134 -15.87 -15.72 -40.71
C VAL A 134 -16.16 -15.68 -39.21
N TYR A 135 -16.69 -14.55 -38.73
CA TYR A 135 -17.05 -14.39 -37.33
C TYR A 135 -18.55 -14.60 -37.13
N LYS A 136 -19.38 -13.82 -37.82
CA LYS A 136 -20.84 -13.98 -37.76
C LYS A 136 -21.53 -13.20 -38.87
N GLU A 137 -22.43 -13.86 -39.59
CA GLU A 137 -23.26 -13.24 -40.62
C GLU A 137 -22.40 -12.59 -41.71
N ARG A 138 -21.61 -13.45 -42.39
CA ARG A 138 -20.80 -13.04 -43.54
C ARG A 138 -19.85 -11.90 -43.18
N LEU A 139 -19.31 -11.93 -41.96
CA LEU A 139 -18.36 -10.93 -41.49
C LEU A 139 -17.05 -11.64 -41.19
N LYS A 140 -15.95 -11.11 -41.72
CA LYS A 140 -14.66 -11.76 -41.67
C LYS A 140 -13.67 -10.95 -40.84
N THR A 141 -13.05 -11.61 -39.86
CA THR A 141 -11.96 -11.05 -39.08
C THR A 141 -10.87 -12.10 -38.98
N CYS A 142 -9.62 -11.66 -38.83
CA CYS A 142 -8.51 -12.60 -38.80
C CYS A 142 -8.21 -13.00 -37.36
N GLU A 143 -8.13 -14.31 -37.14
CA GLU A 143 -8.15 -14.88 -35.80
C GLU A 143 -6.85 -14.60 -35.05
N VAL A 144 -6.93 -14.73 -33.72
CA VAL A 144 -5.79 -14.58 -32.83
C VAL A 144 -5.77 -15.77 -31.88
N SER A 145 -4.60 -16.00 -31.29
CA SER A 145 -4.40 -17.04 -30.29
C SER A 145 -4.40 -16.40 -28.91
N ALA A 146 -5.44 -16.66 -28.14
CA ALA A 146 -5.60 -16.04 -26.82
C ALA A 146 -6.70 -16.80 -26.08
N TRP A 147 -7.16 -16.23 -24.97
CA TRP A 147 -8.34 -16.73 -24.30
C TRP A 147 -9.56 -16.50 -25.19
N CYS A 148 -10.41 -17.53 -25.29
CA CYS A 148 -11.57 -17.49 -26.16
C CYS A 148 -12.81 -17.89 -25.38
N PRO A 149 -13.97 -17.30 -25.70
CA PRO A 149 -14.19 -16.26 -26.72
C PRO A 149 -13.67 -14.90 -26.26
N ILE A 150 -13.27 -14.04 -27.20
CA ILE A 150 -12.74 -12.73 -26.86
C ILE A 150 -13.82 -11.91 -26.18
N GLU A 151 -13.45 -11.21 -25.10
CA GLU A 151 -14.41 -10.43 -24.34
C GLU A 151 -15.00 -9.31 -25.20
N GLU A 152 -16.30 -9.10 -25.06
CA GLU A 152 -17.00 -8.05 -25.79
C GLU A 152 -16.62 -6.69 -25.24
N VAL A 153 -16.22 -5.78 -26.12
CA VAL A 153 -15.91 -4.41 -25.72
C VAL A 153 -17.22 -3.63 -25.76
N LYS A 154 -17.72 -3.25 -24.60
CA LYS A 154 -18.99 -2.55 -24.49
C LYS A 154 -18.94 -1.61 -23.29
N ASP A 155 -19.80 -0.60 -23.31
CA ASP A 155 -19.86 0.35 -22.21
C ASP A 155 -20.47 -0.30 -20.98
N ALA A 156 -20.22 0.32 -19.82
CA ALA A 156 -20.82 -0.16 -18.59
C ALA A 156 -22.34 0.02 -18.66
N PRO A 157 -23.09 -0.82 -17.93
CA PRO A 157 -24.55 -0.68 -17.95
C PRO A 157 -25.00 0.71 -17.55
N ARG A 158 -25.97 1.24 -18.29
CA ARG A 158 -26.42 2.62 -18.05
C ARG A 158 -26.97 2.83 -16.65
N PRO A 159 -27.76 1.92 -16.06
CA PRO A 159 -27.98 1.98 -14.61
C PRO A 159 -26.87 1.27 -13.87
N ALA A 160 -26.19 1.96 -12.96
CA ALA A 160 -25.09 1.35 -12.22
C ALA A 160 -25.59 0.14 -11.43
N LEU A 161 -24.87 -0.96 -11.55
CA LEU A 161 -25.31 -2.21 -10.92
C LEU A 161 -25.33 -2.08 -9.40
N LEU A 162 -24.22 -1.65 -8.81
CA LEU A 162 -24.15 -1.41 -7.37
C LEU A 162 -24.33 0.08 -7.07
N ASN A 163 -25.48 0.62 -7.50
CA ASN A 163 -25.79 2.00 -7.18
C ASN A 163 -26.03 2.18 -5.67
N SER A 164 -26.68 1.20 -5.05
CA SER A 164 -26.93 1.22 -3.62
C SER A 164 -25.66 1.36 -2.80
N ALA A 165 -24.48 1.23 -3.43
CA ALA A 165 -23.23 1.45 -2.73
C ALA A 165 -23.10 2.88 -2.23
N GLU A 166 -23.93 3.80 -2.74
CA GLU A 166 -23.94 5.15 -2.18
C GLU A 166 -24.43 5.18 -0.74
N ASN A 167 -25.08 4.11 -0.28
CA ASN A 167 -25.61 4.05 1.07
C ASN A 167 -24.68 3.35 2.05
N PHE A 168 -23.51 2.91 1.62
CA PHE A 168 -22.59 2.22 2.51
C PHE A 168 -21.95 3.21 3.48
N THR A 169 -21.49 2.69 4.62
CA THR A 169 -20.87 3.52 5.66
C THR A 169 -19.47 3.01 5.95
N VAL A 170 -18.52 3.93 6.06
CA VAL A 170 -17.12 3.59 6.32
C VAL A 170 -16.70 4.24 7.64
N LEU A 171 -16.11 3.44 8.51
CA LEU A 171 -15.57 3.92 9.78
C LEU A 171 -14.06 3.92 9.71
N ILE A 172 -13.45 5.06 10.03
CA ILE A 172 -12.01 5.28 9.88
C ILE A 172 -11.41 5.52 11.25
N LYS A 173 -10.36 4.77 11.58
CA LYS A 173 -9.58 4.98 12.80
C LYS A 173 -8.17 5.39 12.41
N ASN A 174 -7.72 6.53 12.92
CA ASN A 174 -6.41 7.07 12.59
C ASN A 174 -5.59 7.21 13.87
N ASN A 175 -4.39 6.67 13.86
CA ASN A 175 -3.46 6.76 14.98
C ASN A 175 -2.23 7.53 14.53
N ILE A 176 -1.96 8.65 15.17
CA ILE A 176 -0.85 9.51 14.79
C ILE A 176 0.16 9.57 15.93
N ASP A 177 1.40 9.82 15.56
CA ASP A 177 2.53 9.87 16.49
C ASP A 177 3.50 10.94 16.01
N PHE A 178 4.10 11.66 16.96
CA PHE A 178 5.18 12.58 16.68
C PHE A 178 6.44 12.01 17.30
N PRO A 179 7.31 11.35 16.51
CA PRO A 179 8.41 10.59 17.12
C PRO A 179 9.39 11.42 17.94
N GLY A 180 9.69 12.65 17.51
CA GLY A 180 10.63 13.46 18.27
C GLY A 180 10.11 13.81 19.65
N HIS A 181 8.85 14.24 19.74
CA HIS A 181 8.22 14.44 21.03
C HIS A 181 7.72 13.11 21.58
N ASN A 182 7.27 13.13 22.82
CA ASN A 182 6.67 11.95 23.44
C ASN A 182 5.14 12.04 23.36
N TYR A 183 4.63 12.17 22.13
CA TYR A 183 3.20 12.35 21.93
C TYR A 183 2.68 11.39 20.86
N THR A 184 1.59 10.70 21.19
CA THR A 184 0.83 9.87 20.27
C THR A 184 -0.64 9.96 20.65
N THR A 185 -1.51 9.91 19.66
CA THR A 185 -2.94 10.00 19.92
C THR A 185 -3.70 9.31 18.80
N ARG A 186 -5.02 9.24 18.96
CA ARG A 186 -5.90 8.53 18.05
C ARG A 186 -7.04 9.44 17.61
N ASN A 187 -7.68 9.04 16.50
CA ASN A 187 -8.75 9.82 15.92
C ASN A 187 -10.03 9.75 16.73
N ILE A 188 -10.27 8.62 17.40
CA ILE A 188 -11.49 8.41 18.18
C ILE A 188 -11.11 8.49 19.65
N LEU A 189 -11.47 9.59 20.30
CA LEU A 189 -11.21 9.73 21.72
C LEU A 189 -12.15 8.83 22.52
N PRO A 190 -11.76 8.43 23.73
CA PRO A 190 -12.66 7.62 24.56
C PRO A 190 -13.88 8.41 25.00
N GLY A 191 -14.96 7.67 25.22
CA GLY A 191 -16.21 8.29 25.66
C GLY A 191 -16.86 9.19 24.64
N VAL A 192 -16.88 8.78 23.37
CA VAL A 192 -17.51 9.55 22.30
C VAL A 192 -18.52 8.65 21.60
N ASN A 193 -19.59 9.25 21.10
CA ASN A 193 -20.64 8.50 20.42
C ASN A 193 -20.08 7.77 19.20
N ILE A 194 -20.57 6.55 18.99
CA ILE A 194 -20.21 5.75 17.83
C ILE A 194 -21.35 5.65 16.83
N THR A 195 -22.50 6.22 17.15
CA THR A 195 -23.65 6.27 16.25
C THR A 195 -23.67 7.65 15.61
N CYS A 196 -23.12 7.75 14.39
CA CYS A 196 -22.94 9.03 13.75
C CYS A 196 -23.08 8.92 12.25
N THR A 197 -23.39 10.05 11.62
CA THR A 197 -23.26 10.27 10.19
C THR A 197 -22.59 11.63 10.02
N PHE A 198 -21.42 11.64 9.38
CA PHE A 198 -20.59 12.84 9.36
C PHE A 198 -21.32 14.02 8.75
N HIS A 199 -21.17 15.17 9.38
CA HIS A 199 -21.74 16.42 8.90
C HIS A 199 -20.72 17.52 9.03
N LYS A 200 -20.78 18.50 8.12
CA LYS A 200 -19.80 19.58 8.13
C LYS A 200 -19.89 20.42 9.40
N THR A 201 -21.11 20.67 9.88
CA THR A 201 -21.34 21.52 11.03
C THR A 201 -22.00 20.81 12.20
N GLN A 202 -22.92 19.87 11.94
CA GLN A 202 -23.64 19.23 13.02
C GLN A 202 -22.77 18.22 13.77
N ASN A 203 -21.96 17.46 13.04
CA ASN A 203 -21.13 16.41 13.65
C ASN A 203 -19.81 16.33 12.89
N PRO A 204 -18.87 17.22 13.22
CA PRO A 204 -17.60 17.28 12.47
C PRO A 204 -16.46 16.45 13.04
N GLN A 205 -16.69 15.62 14.06
CA GLN A 205 -15.61 14.86 14.68
C GLN A 205 -15.81 13.34 14.65
N CYS A 206 -17.04 12.86 14.62
CA CYS A 206 -17.28 11.43 14.53
C CYS A 206 -16.89 10.91 13.14
N PRO A 207 -16.08 9.85 13.05
CA PRO A 207 -15.45 9.47 11.78
C PRO A 207 -16.26 8.52 10.90
N ILE A 208 -17.55 8.34 11.14
CA ILE A 208 -18.35 7.47 10.28
C ILE A 208 -18.84 8.30 9.10
N PHE A 209 -18.38 7.94 7.89
CA PHE A 209 -18.71 8.67 6.68
C PHE A 209 -19.65 7.85 5.80
N ARG A 210 -20.55 8.54 5.12
CA ARG A 210 -21.41 7.94 4.11
C ARG A 210 -20.88 8.33 2.73
N LEU A 211 -20.74 7.35 1.84
CA LEU A 211 -20.11 7.62 0.55
C LEU A 211 -20.90 8.64 -0.26
N GLY A 212 -22.23 8.52 -0.23
CA GLY A 212 -23.06 9.51 -0.90
C GLY A 212 -22.84 10.90 -0.33
N ASP A 213 -22.70 11.01 0.99
CA ASP A 213 -22.40 12.30 1.61
C ASP A 213 -21.03 12.82 1.18
N ILE A 214 -20.05 11.93 1.06
CA ILE A 214 -18.72 12.35 0.59
C ILE A 214 -18.83 12.94 -0.81
N PHE A 215 -19.59 12.27 -1.68
CA PHE A 215 -19.76 12.78 -3.03
C PHE A 215 -20.56 14.08 -3.04
N GLN A 216 -21.51 14.23 -2.12
CA GLN A 216 -22.30 15.45 -2.06
C GLN A 216 -21.46 16.65 -1.63
N GLU A 217 -20.62 16.47 -0.60
CA GLU A 217 -19.72 17.56 -0.20
C GLU A 217 -18.67 17.83 -1.27
N THR A 218 -18.15 16.78 -1.90
CA THR A 218 -17.12 16.97 -2.92
C THR A 218 -17.65 17.79 -4.11
N GLY A 219 -18.85 17.47 -4.58
CA GLY A 219 -19.49 18.21 -5.64
C GLY A 219 -20.00 17.38 -6.80
N ASP A 220 -19.66 16.10 -6.89
CA ASP A 220 -20.13 15.26 -7.98
C ASP A 220 -21.37 14.48 -7.56
N SER A 221 -21.86 13.64 -8.47
CA SER A 221 -22.97 12.75 -8.21
C SER A 221 -22.46 11.32 -8.17
N PHE A 222 -22.99 10.52 -7.23
CA PHE A 222 -22.48 9.17 -7.06
C PHE A 222 -22.77 8.29 -8.27
N SER A 223 -23.93 8.46 -8.89
CA SER A 223 -24.31 7.57 -9.99
C SER A 223 -23.37 7.70 -11.17
N ASP A 224 -23.11 8.94 -11.61
CA ASP A 224 -22.27 9.14 -12.79
C ASP A 224 -20.85 8.63 -12.56
N VAL A 225 -20.29 8.90 -11.38
CA VAL A 225 -18.93 8.44 -11.09
C VAL A 225 -18.90 6.92 -10.99
N ALA A 226 -19.88 6.34 -10.30
CA ALA A 226 -19.92 4.88 -10.15
C ALA A 226 -20.18 4.16 -11.45
N ILE A 227 -20.70 4.86 -12.46
CA ILE A 227 -20.90 4.23 -13.76
C ILE A 227 -19.56 3.77 -14.34
N GLN A 228 -18.55 4.63 -14.30
CA GLN A 228 -17.25 4.33 -14.87
C GLN A 228 -16.12 4.34 -13.85
N GLY A 229 -16.42 4.49 -12.56
CA GLY A 229 -15.40 4.54 -11.54
C GLY A 229 -14.81 5.92 -11.35
N GLY A 230 -13.95 6.01 -10.34
CA GLY A 230 -13.29 7.27 -10.02
C GLY A 230 -12.41 7.10 -8.81
N ILE A 231 -11.70 8.17 -8.47
CA ILE A 231 -10.77 8.19 -7.34
C ILE A 231 -11.08 9.41 -6.49
N MET A 232 -11.25 9.20 -5.19
CA MET A 232 -11.40 10.29 -4.23
C MET A 232 -10.34 10.18 -3.14
N GLY A 233 -10.20 11.26 -2.38
CA GLY A 233 -9.27 11.30 -1.28
C GLY A 233 -9.86 11.99 -0.07
N ILE A 234 -9.81 11.32 1.08
CA ILE A 234 -10.32 11.85 2.34
C ILE A 234 -9.13 12.38 3.13
N GLU A 235 -8.93 13.69 3.08
CA GLU A 235 -7.79 14.31 3.73
C GLU A 235 -8.11 14.57 5.19
N ILE A 236 -7.29 14.01 6.08
CA ILE A 236 -7.40 14.23 7.52
C ILE A 236 -6.22 15.09 7.93
N TYR A 237 -6.50 16.33 8.35
CA TYR A 237 -5.48 17.31 8.66
C TYR A 237 -5.37 17.44 10.17
N TRP A 238 -4.15 17.28 10.70
CA TRP A 238 -3.87 17.37 12.12
C TRP A 238 -3.05 18.63 12.39
N ASP A 239 -3.69 19.64 12.97
CA ASP A 239 -3.01 20.86 13.41
C ASP A 239 -3.00 20.83 14.93
N CYS A 240 -1.88 20.41 15.51
CA CYS A 240 -1.78 20.13 16.92
C CYS A 240 -0.80 21.07 17.60
N ASN A 241 -1.23 21.67 18.70
CA ASN A 241 -0.38 22.49 19.56
C ASN A 241 -0.22 21.71 20.87
N LEU A 242 1.01 21.25 21.13
CA LEU A 242 1.29 20.35 22.24
C LEU A 242 1.73 21.08 23.51
N ASP A 243 1.80 22.40 23.50
CA ASP A 243 2.20 23.14 24.69
C ASP A 243 1.16 22.94 25.80
N GLY A 244 1.65 22.83 27.04
CA GLY A 244 0.77 22.57 28.16
C GLY A 244 -0.25 23.67 28.40
N TRP A 245 0.15 24.93 28.19
CA TRP A 245 -0.77 26.04 28.42
C TRP A 245 -1.94 26.00 27.44
N PHE A 246 -1.66 25.77 26.16
CA PHE A 246 -2.68 25.73 25.12
C PHE A 246 -2.45 24.45 24.31
N HIS A 247 -3.07 23.35 24.75
CA HIS A 247 -2.90 22.04 24.13
C HIS A 247 -4.19 21.68 23.41
N HIS A 248 -4.09 21.41 22.11
CA HIS A 248 -5.21 20.93 21.32
C HIS A 248 -4.68 20.15 20.13
N CYS A 249 -5.18 18.92 19.97
CA CYS A 249 -4.74 18.02 18.90
C CYS A 249 -5.98 17.29 18.38
N ARG A 250 -6.61 17.85 17.35
CA ARG A 250 -7.83 17.30 16.80
C ARG A 250 -7.76 17.29 15.28
N PRO A 251 -8.44 16.35 14.63
CA PRO A 251 -8.40 16.27 13.17
C PRO A 251 -9.50 17.06 12.49
N LYS A 252 -9.25 17.40 11.23
CA LYS A 252 -10.22 18.04 10.36
C LYS A 252 -10.35 17.24 9.08
N TYR A 253 -11.58 16.95 8.67
CA TYR A 253 -11.84 16.10 7.52
C TYR A 253 -12.26 16.93 6.32
N SER A 254 -11.65 16.63 5.17
CA SER A 254 -12.02 17.24 3.91
C SER A 254 -12.02 16.16 2.84
N PHE A 255 -12.70 16.43 1.73
CA PHE A 255 -12.83 15.47 0.65
C PHE A 255 -12.43 16.13 -0.67
N ARG A 256 -11.68 15.40 -1.49
CA ARG A 256 -11.22 15.98 -2.76
C ARG A 256 -11.16 14.88 -3.81
N ARG A 257 -11.71 15.15 -5.00
CA ARG A 257 -11.69 14.16 -6.07
C ARG A 257 -10.32 14.15 -6.73
N LEU A 258 -9.61 13.02 -6.66
CA LEU A 258 -8.30 12.89 -7.27
C LEU A 258 -8.35 12.43 -8.72
N ASP A 259 -9.54 12.07 -9.22
CA ASP A 259 -9.65 11.60 -10.59
C ASP A 259 -9.35 12.73 -11.57
N ASP A 260 -8.72 12.37 -12.69
CA ASP A 260 -8.33 13.38 -13.67
C ASP A 260 -9.50 13.88 -14.52
N LYS A 261 -10.59 13.12 -14.58
CA LYS A 261 -11.75 13.49 -15.39
C LYS A 261 -11.37 13.75 -16.84
N THR A 262 -10.57 12.84 -17.40
CA THR A 262 -10.05 13.02 -18.75
C THR A 262 -11.17 13.03 -19.79
N THR A 263 -12.12 12.09 -19.66
CA THR A 263 -13.21 11.91 -20.62
C THR A 263 -12.71 11.64 -22.04
N SER A 264 -11.48 11.15 -22.17
CA SER A 264 -10.89 10.80 -23.45
C SER A 264 -10.52 9.34 -23.44
N GLU A 265 -10.94 8.60 -24.48
CA GLU A 265 -10.74 7.16 -24.50
C GLU A 265 -9.27 6.77 -24.56
N SER A 266 -8.40 7.68 -25.01
CA SER A 266 -6.98 7.33 -25.11
C SER A 266 -6.30 7.29 -23.74
N LEU A 267 -6.86 8.00 -22.75
CA LEU A 267 -6.26 8.08 -21.42
C LEU A 267 -6.96 7.20 -20.39
N TYR A 268 -7.88 6.33 -20.83
CA TYR A 268 -8.56 5.38 -19.96
C TYR A 268 -9.30 6.11 -18.84
N PRO A 269 -10.40 6.80 -19.16
CA PRO A 269 -11.08 7.60 -18.14
C PRO A 269 -11.68 6.72 -17.05
N GLY A 270 -11.76 7.28 -15.84
CA GLY A 270 -12.30 6.57 -14.71
C GLY A 270 -11.29 5.59 -14.13
N TYR A 271 -11.79 4.78 -13.19
CA TYR A 271 -10.99 3.75 -12.54
C TYR A 271 -11.62 2.40 -12.79
N ASN A 272 -10.83 1.47 -13.33
CA ASN A 272 -11.30 0.13 -13.60
C ASN A 272 -10.11 -0.80 -13.76
N PHE A 273 -10.37 -2.10 -13.68
CA PHE A 273 -9.33 -3.11 -13.88
C PHE A 273 -9.99 -4.41 -14.30
N ARG A 274 -9.17 -5.44 -14.46
CA ARG A 274 -9.62 -6.77 -14.87
C ARG A 274 -9.20 -7.78 -13.82
N TYR A 275 -10.15 -8.61 -13.39
CA TYR A 275 -9.92 -9.65 -12.41
C TYR A 275 -10.13 -11.02 -13.05
N ALA A 276 -9.29 -11.98 -12.69
CA ALA A 276 -9.33 -13.30 -13.31
C ALA A 276 -9.53 -14.36 -12.25
N LYS A 277 -10.41 -15.32 -12.53
CA LYS A 277 -10.62 -16.49 -11.67
C LYS A 277 -10.39 -17.74 -12.51
N TYR A 278 -9.44 -18.57 -12.10
CA TYR A 278 -9.05 -19.76 -12.83
C TYR A 278 -9.61 -21.01 -12.17
N TYR A 279 -10.06 -21.96 -12.98
CA TYR A 279 -10.63 -23.19 -12.45
C TYR A 279 -10.51 -24.28 -13.50
N LYS A 280 -11.08 -25.44 -13.21
CA LYS A 280 -11.06 -26.58 -14.11
C LYS A 280 -12.48 -27.08 -14.31
N GLU A 281 -12.78 -27.49 -15.55
CA GLU A 281 -14.08 -28.04 -15.89
C GLU A 281 -13.88 -29.11 -16.95
N ASN A 282 -14.39 -30.32 -16.68
CA ASN A 282 -14.23 -31.46 -17.58
C ASN A 282 -12.76 -31.70 -17.92
N ASN A 283 -11.91 -31.58 -16.91
CA ASN A 283 -10.46 -31.75 -17.05
C ASN A 283 -9.87 -30.76 -18.06
N VAL A 284 -10.47 -29.59 -18.17
CA VAL A 284 -9.99 -28.52 -19.05
C VAL A 284 -9.80 -27.26 -18.22
N GLU A 285 -8.65 -26.62 -18.35
CA GLU A 285 -8.39 -25.39 -17.63
C GLU A 285 -9.20 -24.25 -18.24
N LYS A 286 -9.84 -23.44 -17.40
CA LYS A 286 -10.68 -22.36 -17.87
C LYS A 286 -10.49 -21.14 -16.96
N ARG A 287 -10.83 -19.97 -17.51
CA ARG A 287 -10.72 -18.73 -16.78
C ARG A 287 -11.97 -17.90 -17.01
N THR A 288 -12.44 -17.22 -15.96
CA THR A 288 -13.51 -16.24 -16.06
C THR A 288 -12.97 -14.86 -15.73
N LEU A 289 -13.32 -13.88 -16.56
CA LEU A 289 -12.77 -12.54 -16.49
C LEU A 289 -13.87 -11.56 -16.13
N ILE A 290 -13.62 -10.76 -15.10
CA ILE A 290 -14.56 -9.74 -14.62
C ILE A 290 -13.90 -8.38 -14.81
N LYS A 291 -14.47 -7.56 -15.67
CA LYS A 291 -14.06 -6.18 -15.81
C LYS A 291 -14.77 -5.37 -14.73
N VAL A 292 -14.00 -4.85 -13.78
CA VAL A 292 -14.52 -4.24 -12.56
C VAL A 292 -14.30 -2.74 -12.63
N PHE A 293 -15.38 -1.98 -12.48
CA PHE A 293 -15.34 -0.53 -12.33
C PHE A 293 -15.72 -0.19 -10.89
N GLY A 294 -14.90 0.63 -10.24
CA GLY A 294 -15.16 0.95 -8.86
C GLY A 294 -14.52 2.26 -8.47
N ILE A 295 -14.78 2.68 -7.24
CA ILE A 295 -14.30 3.95 -6.71
C ILE A 295 -13.18 3.66 -5.72
N ARG A 296 -12.01 4.22 -5.97
CA ARG A 296 -10.84 4.01 -5.12
C ARG A 296 -10.70 5.19 -4.17
N PHE A 297 -10.94 4.95 -2.88
CA PHE A 297 -10.86 5.98 -1.87
C PHE A 297 -9.47 6.00 -1.25
N ASP A 298 -8.79 7.13 -1.34
CA ASP A 298 -7.51 7.33 -0.68
C ASP A 298 -7.70 8.12 0.61
N ILE A 299 -6.84 7.85 1.58
CA ILE A 299 -6.88 8.55 2.87
C ILE A 299 -5.53 9.23 3.04
N LEU A 300 -5.46 10.50 2.66
CA LEU A 300 -4.23 11.28 2.74
C LEU A 300 -4.21 11.97 4.09
N VAL A 301 -3.39 11.48 5.01
CA VAL A 301 -3.27 12.02 6.36
C VAL A 301 -2.00 12.84 6.43
N PHE A 302 -2.14 14.13 6.71
CA PHE A 302 -1.01 15.03 6.81
C PHE A 302 -1.23 15.98 7.97
N GLY A 303 -0.13 16.53 8.48
CA GLY A 303 -0.21 17.46 9.58
C GLY A 303 1.17 17.73 10.16
N THR A 304 1.17 18.48 11.26
CA THR A 304 2.39 18.83 11.95
C THR A 304 2.08 19.11 13.41
N GLY A 305 3.10 19.01 14.25
CA GLY A 305 2.94 19.28 15.66
C GLY A 305 4.04 20.17 16.20
N GLY A 306 3.67 21.22 16.93
CA GLY A 306 4.62 22.21 17.42
C GLY A 306 4.73 22.17 18.94
N LYS A 307 5.96 22.20 19.43
CA LYS A 307 6.22 22.24 20.86
C LYS A 307 7.24 23.32 21.17
N PHE A 308 7.12 23.92 22.36
CA PHE A 308 7.99 25.04 22.72
C PHE A 308 9.45 24.61 22.75
N ASN A 309 10.31 25.42 22.14
CA ASN A 309 11.74 25.18 22.10
C ASN A 309 12.48 26.47 22.42
N VAL A 310 13.44 26.39 23.34
CA VAL A 310 14.18 27.59 23.74
C VAL A 310 15.10 28.05 22.62
N ILE A 311 15.71 27.11 21.91
CA ILE A 311 16.68 27.48 20.86
C ILE A 311 15.99 28.23 19.73
N GLN A 312 14.81 27.77 19.30
CA GLN A 312 14.09 28.46 18.25
C GLN A 312 13.70 29.86 18.67
N LEU A 313 13.22 30.03 19.91
CA LEU A 313 12.86 31.35 20.39
C LEU A 313 14.07 32.27 20.43
N ALA A 314 15.21 31.75 20.91
CA ALA A 314 16.43 32.57 20.96
C ALA A 314 16.88 32.97 19.57
N VAL A 315 16.82 32.05 18.60
CA VAL A 315 17.24 32.36 17.25
C VAL A 315 16.33 33.41 16.62
N TYR A 316 15.01 33.28 16.80
CA TYR A 316 14.10 34.28 16.26
C TYR A 316 14.32 35.64 16.89
N ILE A 317 14.49 35.68 18.21
CA ILE A 317 14.71 36.95 18.90
C ILE A 317 16.01 37.59 18.41
N GLY A 318 17.07 36.80 18.25
CA GLY A 318 18.32 37.35 17.76
C GLY A 318 18.20 37.87 16.34
N SER A 319 17.48 37.16 15.49
CA SER A 319 17.32 37.59 14.10
C SER A 319 16.49 38.86 13.99
N VAL A 320 15.55 39.07 14.91
CA VAL A 320 14.70 40.25 14.84
C VAL A 320 15.26 41.43 15.64
N ILE A 321 16.26 41.18 16.51
CA ILE A 321 16.87 42.25 17.29
C ILE A 321 17.52 43.28 16.36
N SER A 322 18.31 42.80 15.38
CA SER A 322 18.92 43.71 14.43
C SER A 322 17.86 44.45 13.62
N TYR A 323 16.76 43.77 13.31
CA TYR A 323 15.68 44.40 12.55
C TYR A 323 15.13 45.61 13.29
N PHE A 324 14.73 45.44 14.55
CA PHE A 324 14.09 46.59 15.19
C PHE A 324 15.15 47.61 15.60
N GLY A 325 16.40 47.18 15.76
CA GLY A 325 17.47 48.15 16.00
C GLY A 325 17.69 49.06 14.81
N LEU A 326 17.71 48.50 13.60
CA LEU A 326 17.77 49.34 12.41
C LEU A 326 16.52 50.19 12.26
N ALA A 327 15.35 49.63 12.60
CA ALA A 327 14.11 50.42 12.52
C ALA A 327 14.17 51.62 13.43
N THR A 328 14.70 51.45 14.65
CA THR A 328 14.91 52.59 15.54
C THR A 328 15.95 53.55 14.99
N VAL A 329 17.03 53.01 14.42
CA VAL A 329 18.09 53.86 13.88
C VAL A 329 17.58 54.68 12.70
N PHE A 330 16.85 54.05 11.79
CA PHE A 330 16.33 54.74 10.62
C PHE A 330 15.19 55.68 10.98
N TRP B 11 35.27 50.22 1.55
CA TRP B 11 33.86 50.41 1.24
C TRP B 11 33.42 49.43 0.16
N ILE B 12 34.40 48.85 -0.54
CA ILE B 12 34.09 47.85 -1.56
C ILE B 12 33.50 46.61 -0.91
N PHE B 13 33.97 46.25 0.29
CA PHE B 13 33.40 45.13 1.00
C PHE B 13 31.93 45.37 1.35
N HIS B 14 31.56 46.63 1.60
CA HIS B 14 30.17 46.96 1.88
C HIS B 14 29.26 46.58 0.72
N ALA B 15 29.75 46.67 -0.52
CA ALA B 15 28.99 46.26 -1.67
C ALA B 15 29.13 44.77 -1.97
N LEU B 16 30.31 44.20 -1.71
CA LEU B 16 30.49 42.77 -1.92
C LEU B 16 29.58 41.95 -1.01
N VAL B 17 29.45 42.36 0.25
CA VAL B 17 28.57 41.65 1.18
C VAL B 17 27.13 41.73 0.71
N PHE B 18 26.70 42.91 0.27
CA PHE B 18 25.33 43.08 -0.23
C PHE B 18 25.09 42.23 -1.47
N SER B 19 26.08 42.15 -2.36
CA SER B 19 25.94 41.30 -3.54
C SER B 19 25.81 39.83 -3.15
N TYR B 20 26.60 39.40 -2.17
CA TYR B 20 26.48 38.02 -1.69
C TYR B 20 25.11 37.78 -1.07
N ILE B 21 24.59 38.77 -0.35
CA ILE B 21 23.26 38.64 0.26
C ILE B 21 22.20 38.49 -0.82
N SER B 22 22.27 39.31 -1.86
CA SER B 22 21.31 39.21 -2.95
C SER B 22 21.42 37.87 -3.67
N PHE B 23 22.64 37.40 -3.89
CA PHE B 23 22.84 36.09 -4.51
C PHE B 23 22.23 34.99 -3.66
N ALA B 24 22.42 35.05 -2.34
CA ALA B 24 21.85 34.06 -1.45
C ALA B 24 20.32 34.08 -1.51
N LEU B 25 19.74 35.28 -1.46
CA LEU B 25 18.28 35.41 -1.48
C LEU B 25 17.70 34.88 -2.79
N ILE B 26 18.37 35.15 -3.91
CA ILE B 26 17.85 34.72 -5.20
C ILE B 26 18.00 33.21 -5.36
N SER B 27 19.19 32.67 -5.07
CA SER B 27 19.46 31.26 -5.35
C SER B 27 18.75 30.35 -4.36
N ASP B 28 18.83 30.66 -3.06
CA ASP B 28 18.26 29.77 -2.06
C ASP B 28 16.76 29.96 -1.88
N LYS B 29 16.17 30.98 -2.49
CA LYS B 29 14.74 31.28 -2.36
C LYS B 29 14.34 31.39 -0.89
N ARG B 30 15.11 32.18 -0.14
CA ARG B 30 14.85 32.39 1.27
C ARG B 30 13.62 33.26 1.51
N TYR B 31 13.06 33.88 0.47
CA TYR B 31 11.89 34.72 0.60
C TYR B 31 10.58 33.95 0.44
N GLN B 32 10.64 32.63 0.31
CA GLN B 32 9.46 31.81 0.10
C GLN B 32 9.28 30.82 1.25
N LYS B 33 8.04 30.65 1.68
CA LYS B 33 7.68 29.54 2.54
C LYS B 33 7.54 28.29 1.68
N LYS B 34 8.23 27.22 2.09
CA LYS B 34 8.26 25.97 1.34
C LYS B 34 7.47 24.92 2.10
N GLU B 35 6.65 24.16 1.37
CA GLU B 35 5.75 23.20 1.97
C GLU B 35 5.83 21.87 1.24
N PRO B 36 5.67 20.75 1.95
CA PRO B 36 5.78 19.43 1.30
C PRO B 36 4.63 19.13 0.36
N LEU B 37 4.62 17.92 -0.19
CA LEU B 37 3.74 17.54 -1.28
C LEU B 37 2.87 16.36 -0.87
N ILE B 38 1.62 16.35 -1.33
CA ILE B 38 0.69 15.23 -1.11
C ILE B 38 0.38 14.64 -2.48
N SER B 39 0.66 13.34 -2.65
CA SER B 39 0.65 12.72 -3.96
C SER B 39 -0.33 11.56 -4.03
N SER B 40 -0.89 11.35 -5.23
CA SER B 40 -1.71 10.18 -5.53
C SER B 40 -1.31 9.67 -6.90
N VAL B 41 -1.16 8.36 -7.04
CA VAL B 41 -0.64 7.74 -8.24
C VAL B 41 -1.64 6.71 -8.77
N HIS B 42 -1.81 6.68 -10.09
CA HIS B 42 -2.69 5.72 -10.75
C HIS B 42 -1.98 5.22 -12.01
N THR B 43 -1.76 3.92 -12.11
CA THR B 43 -0.99 3.36 -13.21
C THR B 43 -1.82 2.37 -14.01
N LYS B 44 -1.45 2.22 -15.28
CA LYS B 44 -2.09 1.27 -16.18
C LYS B 44 -1.00 0.60 -17.02
N VAL B 45 -0.91 -0.72 -16.91
CA VAL B 45 0.12 -1.49 -17.61
C VAL B 45 -0.53 -2.26 -18.75
N LYS B 46 0.07 -2.21 -19.93
CA LYS B 46 -0.46 -2.87 -21.11
C LYS B 46 0.64 -3.66 -21.81
N GLY B 47 0.23 -4.75 -22.47
CA GLY B 47 1.14 -5.64 -23.16
C GLY B 47 0.76 -7.09 -22.97
N ILE B 48 0.88 -7.90 -24.01
CA ILE B 48 0.60 -9.32 -23.96
C ILE B 48 1.84 -10.09 -24.37
N ALA B 49 2.08 -11.22 -23.70
CA ALA B 49 3.29 -12.00 -23.91
C ALA B 49 2.94 -13.42 -24.31
N GLU B 50 3.57 -13.92 -25.36
CA GLU B 50 3.39 -15.29 -25.82
C GLU B 50 4.48 -16.15 -25.21
N VAL B 51 4.11 -16.97 -24.23
CA VAL B 51 5.06 -17.84 -23.54
C VAL B 51 5.10 -19.18 -24.26
N LYS B 52 6.31 -19.62 -24.61
CA LYS B 52 6.50 -20.91 -25.29
C LYS B 52 7.89 -21.40 -24.96
N ALA B 53 7.98 -22.44 -24.12
CA ALA B 53 9.26 -22.95 -23.68
C ALA B 53 9.12 -24.39 -23.23
N GLU B 54 10.26 -25.01 -22.92
CA GLU B 54 10.31 -26.37 -22.40
C GLU B 54 11.06 -26.37 -21.08
N ILE B 55 10.49 -27.05 -20.09
CA ILE B 55 11.07 -27.13 -18.75
C ILE B 55 11.21 -28.59 -18.35
N LEU B 56 11.90 -28.81 -17.23
CA LEU B 56 12.12 -30.14 -16.68
C LEU B 56 11.54 -30.17 -15.27
N GLU B 57 10.43 -30.87 -15.10
CA GLU B 57 9.76 -31.01 -13.81
C GLU B 57 9.85 -32.47 -13.37
N ASN B 58 10.42 -32.68 -12.19
CA ASN B 58 10.56 -34.02 -11.60
C ASN B 58 11.27 -34.97 -12.56
N GLY B 59 12.26 -34.44 -13.27
CA GLY B 59 13.00 -35.25 -14.22
C GLY B 59 12.24 -35.62 -15.48
N MET B 60 11.19 -34.88 -15.82
CA MET B 60 10.40 -35.14 -17.01
C MET B 60 10.25 -33.85 -17.80
N LYS B 61 10.38 -33.96 -19.12
CA LYS B 61 10.27 -32.80 -20.00
C LYS B 61 8.80 -32.41 -20.15
N LYS B 62 8.52 -31.11 -20.01
CA LYS B 62 7.19 -30.57 -20.17
C LYS B 62 7.25 -29.30 -21.01
N MET B 63 6.14 -28.99 -21.66
CA MET B 63 6.04 -27.84 -22.55
C MET B 63 5.07 -26.82 -21.95
N VAL B 64 5.51 -25.58 -21.82
CA VAL B 64 4.69 -24.49 -21.33
C VAL B 64 4.40 -23.57 -22.51
N SER B 65 3.12 -23.48 -22.90
CA SER B 65 2.70 -22.66 -24.01
C SER B 65 1.41 -21.94 -23.65
N GLY B 66 1.34 -20.65 -23.98
CA GLY B 66 0.14 -19.88 -23.69
C GLY B 66 0.35 -18.42 -24.04
N VAL B 67 -0.71 -17.64 -23.81
CA VAL B 67 -0.71 -16.20 -24.04
C VAL B 67 -1.16 -15.52 -22.75
N PHE B 68 -0.37 -14.56 -22.29
CA PHE B 68 -0.63 -13.83 -21.05
C PHE B 68 -1.05 -12.41 -21.39
N ASP B 69 -2.24 -12.02 -20.95
CA ASP B 69 -2.74 -10.66 -21.10
C ASP B 69 -2.61 -9.93 -19.77
N THR B 70 -3.18 -8.72 -19.71
CA THR B 70 -2.98 -7.87 -18.54
C THR B 70 -3.51 -8.51 -17.26
N ALA B 71 -4.50 -9.40 -17.37
CA ALA B 71 -5.07 -10.03 -16.18
C ALA B 71 -4.29 -11.24 -15.73
N ASP B 72 -3.18 -11.58 -16.39
CA ASP B 72 -2.47 -12.83 -16.13
C ASP B 72 -1.09 -12.63 -15.51
N TYR B 73 -0.57 -11.41 -15.44
CA TYR B 73 0.77 -11.18 -14.91
C TYR B 73 0.90 -9.98 -13.98
N THR B 74 -0.19 -9.35 -13.58
CA THR B 74 -0.09 -8.17 -12.73
C THR B 74 -1.33 -8.05 -11.86
N PHE B 75 -1.24 -7.16 -10.88
CA PHE B 75 -2.30 -6.87 -9.93
C PHE B 75 -2.51 -5.36 -9.90
N PRO B 76 -3.71 -4.92 -9.51
CA PRO B 76 -3.96 -3.47 -9.40
C PRO B 76 -3.01 -2.80 -8.42
N LEU B 77 -2.66 -1.55 -8.72
CA LEU B 77 -1.70 -0.82 -7.91
C LEU B 77 -2.20 -0.67 -6.48
N GLN B 78 -1.30 -0.90 -5.52
CA GLN B 78 -1.61 -0.75 -4.10
C GLN B 78 -0.38 -0.19 -3.40
N GLY B 79 -0.55 0.93 -2.71
CA GLY B 79 0.54 1.56 -2.01
C GLY B 79 1.63 2.12 -2.91
N ASN B 80 1.25 2.77 -4.01
CA ASN B 80 2.20 3.42 -4.93
C ASN B 80 3.22 2.42 -5.46
N SER B 81 2.77 1.22 -5.82
CA SER B 81 3.64 0.19 -6.35
C SER B 81 2.81 -0.82 -7.12
N PHE B 82 3.35 -1.31 -8.23
CA PHE B 82 2.72 -2.35 -9.01
C PHE B 82 3.73 -3.44 -9.34
N PHE B 83 3.23 -4.65 -9.52
CA PHE B 83 4.06 -5.84 -9.70
C PHE B 83 3.87 -6.42 -11.09
N VAL B 84 4.97 -6.72 -11.76
CA VAL B 84 4.95 -7.32 -13.09
C VAL B 84 5.61 -8.70 -13.00
N MET B 85 4.81 -9.74 -13.21
CA MET B 85 5.30 -11.11 -13.12
C MET B 85 6.11 -11.48 -14.34
N THR B 86 7.24 -12.17 -14.12
CA THR B 86 8.16 -12.52 -15.19
C THR B 86 8.54 -13.99 -15.27
N ASN B 87 8.43 -14.75 -14.19
CA ASN B 87 8.82 -16.15 -14.23
C ASN B 87 8.02 -16.91 -13.17
N PHE B 88 7.78 -18.18 -13.43
CA PHE B 88 6.97 -18.97 -12.49
C PHE B 88 7.41 -20.42 -12.52
N ILE B 89 7.20 -21.08 -11.37
CA ILE B 89 7.37 -22.52 -11.24
C ILE B 89 6.11 -23.07 -10.60
N LYS B 90 5.44 -24.00 -11.29
CA LYS B 90 4.13 -24.47 -10.88
C LYS B 90 4.20 -25.90 -10.35
N THR B 91 3.51 -26.14 -9.24
CA THR B 91 3.34 -27.49 -8.69
C THR B 91 1.85 -27.70 -8.44
N GLU B 92 1.30 -28.76 -9.01
CA GLU B 92 -0.13 -29.02 -8.95
C GLU B 92 -0.40 -30.38 -8.30
N GLY B 93 -1.55 -30.48 -7.62
CA GLY B 93 -1.97 -31.72 -7.02
C GLY B 93 -1.54 -31.95 -5.60
N GLN B 94 -1.08 -30.90 -4.90
CA GLN B 94 -0.66 -31.06 -3.52
C GLN B 94 -1.86 -31.26 -2.60
N GLN B 95 -1.68 -32.14 -1.61
CA GLN B 95 -2.70 -32.37 -0.60
C GLN B 95 -2.01 -32.67 0.73
N GLN B 96 -2.70 -32.39 1.82
CA GLN B 96 -2.12 -32.60 3.14
C GLN B 96 -1.88 -34.09 3.39
N GLY B 97 -0.72 -34.41 3.96
CA GLY B 97 -0.43 -35.81 4.27
C GLY B 97 1.03 -35.98 4.66
N LEU B 98 1.48 -37.22 4.54
CA LEU B 98 2.85 -37.62 4.88
C LEU B 98 3.62 -37.90 3.60
N CYS B 99 4.83 -37.34 3.50
CA CYS B 99 5.65 -37.56 2.32
C CYS B 99 7.10 -37.30 2.67
N PRO B 100 8.04 -38.04 2.08
CA PRO B 100 9.46 -37.78 2.34
C PRO B 100 9.88 -36.42 1.82
N ASP B 101 10.85 -35.83 2.52
CA ASP B 101 11.37 -34.52 2.15
C ASP B 101 12.29 -34.65 0.94
N PHE B 102 12.61 -33.49 0.35
CA PHE B 102 13.53 -33.47 -0.78
C PHE B 102 14.92 -33.93 -0.33
N PRO B 103 15.64 -34.68 -1.17
CA PRO B 103 16.98 -35.12 -0.78
C PRO B 103 17.93 -33.95 -0.61
N THR B 104 18.36 -33.72 0.63
CA THR B 104 19.27 -32.64 0.95
C THR B 104 20.17 -33.11 2.08
N ALA B 105 21.31 -32.43 2.24
CA ALA B 105 22.27 -32.83 3.26
C ALA B 105 21.65 -32.77 4.65
N ARG B 106 20.80 -31.79 4.91
CA ARG B 106 20.16 -31.70 6.23
C ARG B 106 19.04 -32.71 6.39
N THR B 107 18.33 -33.04 5.31
CA THR B 107 17.17 -33.92 5.37
C THR B 107 17.51 -35.37 5.04
N ILE B 108 18.76 -35.69 4.79
CA ILE B 108 19.14 -37.06 4.46
C ILE B 108 19.26 -37.89 5.74
N CYS B 109 19.05 -39.20 5.61
CA CYS B 109 19.19 -40.10 6.74
C CYS B 109 19.48 -41.51 6.22
N SER B 110 20.20 -42.28 7.02
CA SER B 110 20.43 -43.68 6.73
C SER B 110 19.49 -44.59 7.53
N SER B 111 19.10 -44.15 8.73
CA SER B 111 18.15 -44.86 9.56
C SER B 111 17.18 -43.87 10.17
N ASP B 112 16.20 -44.40 10.91
CA ASP B 112 15.20 -43.54 11.54
C ASP B 112 15.80 -42.67 12.64
N ARG B 113 16.95 -43.05 13.18
CA ARG B 113 17.59 -42.27 14.24
C ARG B 113 18.26 -41.00 13.71
N GLY B 114 18.34 -40.83 12.39
CA GLY B 114 18.99 -39.64 11.84
C GLY B 114 18.27 -38.36 12.20
N CYS B 115 16.94 -38.37 12.14
CA CYS B 115 16.15 -37.19 12.44
C CYS B 115 15.08 -37.56 13.46
N LYS B 116 14.70 -36.59 14.28
CA LYS B 116 13.74 -36.79 15.35
C LYS B 116 12.38 -36.22 14.98
N LYS B 117 11.33 -36.77 15.59
CA LYS B 117 9.98 -36.32 15.33
C LYS B 117 9.76 -34.93 15.93
N GLY B 118 9.06 -34.07 15.18
CA GLY B 118 8.73 -32.74 15.63
C GLY B 118 9.77 -31.69 15.34
N ARG B 119 10.91 -32.05 14.79
CA ARG B 119 11.94 -31.07 14.47
C ARG B 119 11.50 -30.18 13.33
N MET B 120 11.85 -28.89 13.41
CA MET B 120 11.48 -27.90 12.41
C MET B 120 12.75 -27.34 11.80
N ASP B 121 12.95 -27.58 10.50
CA ASP B 121 14.14 -27.03 9.87
C ASP B 121 13.78 -25.79 9.06
N PRO B 122 14.64 -24.77 9.06
CA PRO B 122 14.35 -23.56 8.27
C PRO B 122 14.22 -23.81 6.78
N GLN B 123 14.97 -24.76 6.24
CA GLN B 123 14.94 -25.06 4.81
C GLN B 123 13.84 -26.05 4.43
N SER B 124 13.06 -26.53 5.40
CA SER B 124 12.01 -27.49 5.16
C SER B 124 10.64 -26.85 5.33
N LYS B 125 9.66 -27.37 4.59
CA LYS B 125 8.29 -26.89 4.64
C LYS B 125 7.34 -27.91 5.25
N GLY B 126 7.83 -28.78 6.12
CA GLY B 126 7.01 -29.82 6.71
C GLY B 126 7.38 -30.08 8.15
N ILE B 127 6.44 -30.70 8.86
CA ILE B 127 6.64 -31.06 10.26
C ILE B 127 7.23 -32.47 10.30
N GLN B 128 8.41 -32.60 10.88
CA GLN B 128 9.13 -33.86 10.85
C GLN B 128 8.50 -34.87 11.80
N THR B 129 8.44 -36.13 11.37
CA THR B 129 7.84 -37.20 12.16
C THR B 129 8.80 -38.34 12.48
N GLY B 130 10.03 -38.31 11.96
CA GLY B 130 11.02 -39.30 12.31
C GLY B 130 10.76 -40.68 11.75
N ARG B 131 10.82 -40.82 10.42
CA ARG B 131 10.69 -42.13 9.78
C ARG B 131 11.44 -42.07 8.45
N CYS B 132 12.63 -42.65 8.40
CA CYS B 132 13.49 -42.59 7.23
C CYS B 132 12.97 -43.58 6.19
N VAL B 133 12.20 -43.07 5.23
CA VAL B 133 11.60 -43.89 4.19
C VAL B 133 12.35 -43.65 2.88
N VAL B 134 12.32 -44.68 2.02
CA VAL B 134 12.97 -44.58 0.72
C VAL B 134 12.23 -43.55 -0.14
N TYR B 135 12.99 -42.68 -0.79
CA TYR B 135 12.43 -41.64 -1.65
C TYR B 135 12.45 -42.04 -3.12
N LYS B 136 13.63 -42.38 -3.65
CA LYS B 136 13.76 -42.85 -5.02
C LYS B 136 15.14 -43.45 -5.27
N GLU B 137 15.17 -44.65 -5.83
CA GLU B 137 16.40 -45.33 -6.22
C GLU B 137 17.37 -45.48 -5.04
N ARG B 138 16.90 -46.23 -4.04
CA ARG B 138 17.71 -46.56 -2.85
C ARG B 138 18.22 -45.30 -2.14
N LEU B 139 17.39 -44.27 -2.10
CA LEU B 139 17.70 -43.04 -1.39
C LEU B 139 16.65 -42.85 -0.30
N LYS B 140 17.12 -42.66 0.94
CA LYS B 140 16.25 -42.61 2.10
C LYS B 140 16.28 -41.23 2.72
N THR B 141 15.10 -40.65 2.91
CA THR B 141 14.92 -39.40 3.65
C THR B 141 13.79 -39.60 4.64
N CYS B 142 13.85 -38.90 5.77
CA CYS B 142 12.84 -39.09 6.79
C CYS B 142 11.64 -38.19 6.51
N GLU B 143 10.46 -38.81 6.51
CA GLU B 143 9.25 -38.17 5.98
C GLU B 143 8.78 -37.04 6.89
N VAL B 144 7.97 -36.15 6.31
CA VAL B 144 7.40 -35.02 7.01
C VAL B 144 5.90 -34.94 6.69
N SER B 145 5.18 -34.26 7.57
CA SER B 145 3.75 -34.05 7.43
C SER B 145 3.52 -32.64 6.89
N ALA B 146 3.07 -32.54 5.64
CA ALA B 146 2.87 -31.26 4.98
C ALA B 146 2.08 -31.50 3.70
N TRP B 147 2.02 -30.48 2.86
CA TRP B 147 1.49 -30.64 1.51
C TRP B 147 2.40 -31.55 0.73
N CYS B 148 1.81 -32.47 -0.03
CA CYS B 148 2.54 -33.46 -0.79
C CYS B 148 2.05 -33.48 -2.23
N PRO B 149 2.94 -33.74 -3.19
CA PRO B 149 4.39 -33.99 -3.03
C PRO B 149 5.17 -32.72 -2.72
N ILE B 150 6.31 -32.85 -2.05
CA ILE B 150 7.10 -31.68 -1.69
C ILE B 150 7.63 -31.00 -2.95
N GLU B 151 7.53 -29.68 -2.98
CA GLU B 151 7.96 -28.91 -4.15
C GLU B 151 9.42 -29.18 -4.46
N GLU B 152 9.71 -29.42 -5.74
CA GLU B 152 11.08 -29.70 -6.16
C GLU B 152 11.94 -28.45 -6.02
N VAL B 153 13.13 -28.60 -5.44
CA VAL B 153 14.04 -27.48 -5.25
C VAL B 153 14.85 -27.33 -6.53
N LYS B 154 14.55 -26.27 -7.29
CA LYS B 154 15.23 -26.03 -8.56
C LYS B 154 15.34 -24.52 -8.77
N ASP B 155 16.30 -24.13 -9.60
CA ASP B 155 16.48 -22.73 -9.95
C ASP B 155 15.46 -22.31 -11.00
N ALA B 156 15.35 -21.00 -11.21
CA ALA B 156 14.47 -20.49 -12.24
C ALA B 156 14.96 -20.91 -13.62
N PRO B 157 14.07 -21.05 -14.59
CA PRO B 157 14.48 -21.42 -15.95
C PRO B 157 15.50 -20.44 -16.51
N ARG B 158 16.51 -20.97 -17.20
CA ARG B 158 17.59 -20.12 -17.68
C ARG B 158 17.15 -19.14 -18.77
N PRO B 159 16.21 -19.47 -19.66
CA PRO B 159 15.53 -18.39 -20.41
C PRO B 159 14.31 -17.92 -19.65
N ALA B 160 14.20 -16.60 -19.42
CA ALA B 160 13.05 -16.06 -18.71
C ALA B 160 11.78 -16.36 -19.48
N LEU B 161 10.76 -16.86 -18.77
CA LEU B 161 9.53 -17.26 -19.44
C LEU B 161 8.79 -16.05 -20.01
N LEU B 162 8.59 -15.03 -19.20
CA LEU B 162 7.99 -13.78 -19.65
C LEU B 162 9.07 -12.74 -19.94
N ASN B 163 9.99 -13.10 -20.84
CA ASN B 163 11.01 -12.14 -21.27
C ASN B 163 10.38 -10.98 -22.05
N SER B 164 9.38 -11.28 -22.88
CA SER B 164 8.68 -10.27 -23.65
C SER B 164 8.06 -9.18 -22.76
N ALA B 165 8.05 -9.38 -21.44
CA ALA B 165 7.58 -8.35 -20.53
C ALA B 165 8.45 -7.10 -20.60
N GLU B 166 9.65 -7.18 -21.19
CA GLU B 166 10.44 -5.99 -21.41
C GLU B 166 9.79 -5.04 -22.41
N ASN B 167 8.83 -5.52 -23.19
CA ASN B 167 8.15 -4.71 -24.19
C ASN B 167 6.86 -4.09 -23.69
N PHE B 168 6.48 -4.32 -22.44
CA PHE B 168 5.24 -3.77 -21.92
C PHE B 168 5.36 -2.27 -21.68
N THR B 169 4.23 -1.58 -21.68
CA THR B 169 4.21 -0.14 -21.50
C THR B 169 3.34 0.23 -20.31
N VAL B 170 3.82 1.15 -19.48
CA VAL B 170 3.10 1.58 -18.28
C VAL B 170 2.82 3.07 -18.39
N LEU B 171 1.56 3.45 -18.17
CA LEU B 171 1.15 4.86 -18.14
C LEU B 171 0.86 5.25 -16.70
N ILE B 172 1.48 6.35 -16.27
CA ILE B 172 1.42 6.81 -14.89
C ILE B 172 0.74 8.17 -14.85
N LYS B 173 -0.26 8.30 -13.99
CA LYS B 173 -0.94 9.57 -13.73
C LYS B 173 -0.67 9.95 -12.27
N ASN B 174 -0.13 11.14 -12.06
CA ASN B 174 0.22 11.62 -10.73
C ASN B 174 -0.55 12.90 -10.46
N ASN B 175 -1.23 12.96 -9.32
CA ASN B 175 -1.97 14.13 -8.89
C ASN B 175 -1.36 14.60 -7.58
N ILE B 176 -0.85 15.83 -7.58
CA ILE B 176 -0.17 16.39 -6.41
C ILE B 176 -0.96 17.58 -5.90
N ASP B 177 -0.82 17.84 -4.61
CA ASP B 177 -1.53 18.90 -3.92
C ASP B 177 -0.63 19.46 -2.84
N PHE B 178 -0.67 20.79 -2.67
CA PHE B 178 0.02 21.46 -1.57
C PHE B 178 -1.06 21.99 -0.64
N PRO B 179 -1.43 21.25 0.42
CA PRO B 179 -2.60 21.63 1.21
C PRO B 179 -2.53 23.00 1.85
N GLY B 180 -1.33 23.44 2.26
CA GLY B 180 -1.22 24.77 2.87
C GLY B 180 -1.59 25.88 1.91
N HIS B 181 -1.09 25.81 0.68
CA HIS B 181 -1.49 26.72 -0.37
C HIS B 181 -2.78 26.21 -1.01
N ASN B 182 -3.35 27.01 -1.91
CA ASN B 182 -4.51 26.57 -2.68
C ASN B 182 -4.08 26.09 -4.06
N TYR B 183 -3.19 25.09 -4.09
CA TYR B 183 -2.63 24.59 -5.33
C TYR B 183 -2.74 23.09 -5.43
N THR B 184 -3.35 22.62 -6.52
CA THR B 184 -3.38 21.20 -6.88
C THR B 184 -3.17 21.10 -8.37
N THR B 185 -2.41 20.10 -8.81
CA THR B 185 -2.17 19.91 -10.24
C THR B 185 -1.94 18.43 -10.51
N ARG B 186 -1.78 18.10 -11.80
CA ARG B 186 -1.69 16.73 -12.25
C ARG B 186 -0.48 16.55 -13.16
N ASN B 187 -0.14 15.28 -13.39
CA ASN B 187 1.04 14.95 -14.18
C ASN B 187 0.79 15.19 -15.67
N ILE B 188 -0.41 14.92 -16.16
CA ILE B 188 -0.73 15.03 -17.58
C ILE B 188 -1.57 16.30 -17.76
N LEU B 189 -0.94 17.33 -18.32
CA LEU B 189 -1.66 18.56 -18.62
C LEU B 189 -2.61 18.35 -19.78
N PRO B 190 -3.67 19.14 -19.86
CA PRO B 190 -4.59 19.03 -21.01
C PRO B 190 -3.92 19.43 -22.31
N GLY B 191 -4.38 18.83 -23.39
CA GLY B 191 -3.85 19.12 -24.71
C GLY B 191 -2.42 18.68 -24.92
N VAL B 192 -2.06 17.48 -24.45
CA VAL B 192 -0.73 16.93 -24.62
C VAL B 192 -0.86 15.57 -25.28
N ASN B 193 0.13 15.22 -26.10
CA ASN B 193 0.12 13.96 -26.83
C ASN B 193 0.08 12.77 -25.87
N ILE B 194 -0.67 11.73 -26.25
CA ILE B 194 -0.74 10.49 -25.50
C ILE B 194 -0.03 9.36 -26.24
N THR B 195 0.50 9.62 -27.43
CA THR B 195 1.28 8.65 -28.19
C THR B 195 2.76 8.96 -27.94
N CYS B 196 3.36 8.24 -27.00
CA CYS B 196 4.70 8.56 -26.54
C CYS B 196 5.46 7.30 -26.13
N THR B 197 6.78 7.39 -26.20
CA THR B 197 7.70 6.48 -25.53
C THR B 197 8.74 7.36 -24.85
N PHE B 198 8.85 7.24 -23.53
CA PHE B 198 9.64 8.20 -22.75
C PHE B 198 11.09 8.21 -23.20
N HIS B 199 11.65 9.41 -23.32
CA HIS B 199 13.04 9.60 -23.68
C HIS B 199 13.62 10.68 -22.78
N LYS B 200 14.91 10.54 -22.46
CA LYS B 200 15.55 11.50 -21.56
C LYS B 200 15.57 12.90 -22.15
N THR B 201 15.81 13.01 -23.45
CA THR B 201 15.92 14.31 -24.11
C THR B 201 14.85 14.57 -25.15
N GLN B 202 14.43 13.55 -25.90
CA GLN B 202 13.46 13.77 -26.98
C GLN B 202 12.06 14.02 -26.43
N ASN B 203 11.65 13.27 -25.41
CA ASN B 203 10.30 13.37 -24.85
C ASN B 203 10.37 13.17 -23.34
N PRO B 204 10.75 14.21 -22.60
CA PRO B 204 10.94 14.06 -21.15
C PRO B 204 9.72 14.35 -20.30
N GLN B 205 8.52 14.53 -20.89
CA GLN B 205 7.34 14.88 -20.11
C GLN B 205 6.19 13.91 -20.25
N CYS B 206 6.07 13.20 -21.37
CA CYS B 206 5.00 12.22 -21.54
C CYS B 206 5.23 11.02 -20.64
N PRO B 207 4.23 10.60 -19.84
CA PRO B 207 4.50 9.64 -18.76
C PRO B 207 4.39 8.18 -19.16
N ILE B 208 4.40 7.87 -20.45
CA ILE B 208 4.34 6.48 -20.90
C ILE B 208 5.77 5.93 -20.92
N PHE B 209 6.03 4.95 -20.06
CA PHE B 209 7.36 4.36 -19.93
C PHE B 209 7.36 2.94 -20.47
N ARG B 210 8.50 2.55 -21.04
CA ARG B 210 8.74 1.17 -21.44
C ARG B 210 9.71 0.55 -20.47
N LEU B 211 9.40 -0.67 -19.99
CA LEU B 211 10.20 -1.29 -18.95
C LEU B 211 11.63 -1.52 -19.41
N GLY B 212 11.80 -2.00 -20.63
CA GLY B 212 13.14 -2.15 -21.18
C GLY B 212 13.90 -0.83 -21.22
N ASP B 213 13.21 0.25 -21.57
CA ASP B 213 13.84 1.57 -21.54
C ASP B 213 14.23 1.96 -20.12
N ILE B 214 13.38 1.65 -19.14
CA ILE B 214 13.71 1.96 -17.75
C ILE B 214 14.99 1.25 -17.34
N PHE B 215 15.07 -0.05 -17.65
CA PHE B 215 16.26 -0.80 -17.28
C PHE B 215 17.48 -0.35 -18.07
N GLN B 216 17.28 0.16 -19.29
CA GLN B 216 18.40 0.66 -20.08
C GLN B 216 18.96 1.95 -19.48
N GLU B 217 18.09 2.89 -19.13
CA GLU B 217 18.57 4.12 -18.50
C GLU B 217 19.20 3.84 -17.14
N THR B 218 18.60 2.94 -16.35
CA THR B 218 19.16 2.65 -15.03
C THR B 218 20.54 1.99 -15.11
N GLY B 219 20.73 1.01 -16.00
CA GLY B 219 22.03 0.44 -16.21
C GLY B 219 22.10 -1.08 -16.16
N ASP B 220 21.02 -1.77 -15.81
CA ASP B 220 21.03 -3.22 -15.80
C ASP B 220 20.45 -3.77 -17.11
N SER B 221 20.42 -5.09 -17.19
CA SER B 221 19.82 -5.81 -18.31
C SER B 221 18.53 -6.45 -17.83
N PHE B 222 17.47 -6.33 -18.64
CA PHE B 222 16.16 -6.79 -18.20
C PHE B 222 16.12 -8.32 -18.07
N SER B 223 16.82 -9.04 -18.93
CA SER B 223 16.77 -10.49 -18.89
C SER B 223 17.33 -11.03 -17.58
N ASP B 224 18.51 -10.56 -17.17
CA ASP B 224 19.13 -11.07 -15.96
C ASP B 224 18.29 -10.76 -14.73
N VAL B 225 17.72 -9.56 -14.66
CA VAL B 225 16.89 -9.20 -13.52
C VAL B 225 15.60 -10.01 -13.52
N ALA B 226 14.97 -10.15 -14.67
CA ALA B 226 13.72 -10.91 -14.76
C ALA B 226 13.93 -12.40 -14.53
N ILE B 227 15.17 -12.88 -14.62
CA ILE B 227 15.45 -14.29 -14.32
C ILE B 227 15.08 -14.61 -12.89
N GLN B 228 15.49 -13.76 -11.94
CA GLN B 228 15.23 -13.98 -10.53
C GLN B 228 14.45 -12.86 -9.87
N GLY B 229 13.88 -11.94 -10.65
CA GLY B 229 13.14 -10.84 -10.09
C GLY B 229 14.03 -9.71 -9.62
N GLY B 230 13.39 -8.65 -9.16
CA GLY B 230 14.12 -7.51 -8.65
C GLY B 230 13.15 -6.42 -8.22
N ILE B 231 13.73 -5.33 -7.72
CA ILE B 231 12.96 -4.17 -7.29
C ILE B 231 13.56 -2.94 -7.97
N MET B 232 12.71 -2.13 -8.58
CA MET B 232 13.12 -0.87 -9.18
C MET B 232 12.20 0.24 -8.70
N GLY B 233 12.63 1.48 -8.88
CA GLY B 233 11.85 2.62 -8.45
C GLY B 233 11.87 3.77 -9.43
N ILE B 234 10.69 4.33 -9.69
CA ILE B 234 10.54 5.47 -10.58
C ILE B 234 10.30 6.70 -9.70
N GLU B 235 11.30 7.56 -9.61
CA GLU B 235 11.20 8.76 -8.78
C GLU B 235 10.67 9.91 -9.63
N ILE B 236 9.58 10.53 -9.16
CA ILE B 236 9.00 11.70 -9.79
C ILE B 236 9.23 12.88 -8.86
N TYR B 237 10.06 13.83 -9.30
CA TYR B 237 10.46 14.96 -8.48
C TYR B 237 9.72 16.21 -8.95
N TRP B 238 9.04 16.86 -8.01
CA TRP B 238 8.26 18.07 -8.29
C TRP B 238 8.95 19.26 -7.63
N ASP B 239 9.61 20.08 -8.43
CA ASP B 239 10.21 21.33 -7.97
C ASP B 239 9.35 22.46 -8.53
N CYS B 240 8.44 22.97 -7.72
CA CYS B 240 7.41 23.90 -8.17
C CYS B 240 7.59 25.25 -7.50
N ASN B 241 7.56 26.31 -8.31
CA ASN B 241 7.55 27.69 -7.85
C ASN B 241 6.18 28.25 -8.18
N LEU B 242 5.42 28.59 -7.14
CA LEU B 242 4.01 28.99 -7.30
C LEU B 242 3.83 30.51 -7.35
N ASP B 243 4.90 31.29 -7.30
CA ASP B 243 4.76 32.73 -7.38
C ASP B 243 4.22 33.14 -8.74
N GLY B 244 3.36 34.16 -8.76
CA GLY B 244 2.73 34.58 -9.99
C GLY B 244 3.70 35.09 -11.04
N TRP B 245 4.76 35.78 -10.61
CA TRP B 245 5.73 36.32 -11.55
C TRP B 245 6.48 35.21 -12.27
N PHE B 246 6.94 34.21 -11.53
CA PHE B 246 7.69 33.08 -12.08
C PHE B 246 7.05 31.80 -11.56
N HIS B 247 6.05 31.29 -12.30
CA HIS B 247 5.28 30.12 -11.90
C HIS B 247 5.66 28.97 -12.81
N HIS B 248 6.12 27.86 -12.23
CA HIS B 248 6.40 26.64 -12.97
C HIS B 248 6.28 25.45 -12.04
N CYS B 249 5.48 24.46 -12.45
CA CYS B 249 5.24 23.25 -11.65
C CYS B 249 5.20 22.06 -12.61
N ARG B 250 6.35 21.43 -12.80
CA ARG B 250 6.49 20.31 -13.73
C ARG B 250 7.30 19.20 -13.08
N PRO B 251 7.05 17.95 -13.46
CA PRO B 251 7.77 16.83 -12.86
C PRO B 251 9.02 16.44 -13.64
N LYS B 252 9.92 15.78 -12.94
CA LYS B 252 11.14 15.21 -13.52
C LYS B 252 11.20 13.73 -13.15
N TYR B 253 11.44 12.88 -14.15
CA TYR B 253 11.42 11.43 -13.95
C TYR B 253 12.85 10.88 -13.90
N SER B 254 13.10 10.04 -12.91
CA SER B 254 14.37 9.34 -12.79
C SER B 254 14.10 7.90 -12.38
N PHE B 255 15.09 7.04 -12.58
CA PHE B 255 14.94 5.62 -12.28
C PHE B 255 16.11 5.16 -11.43
N ARG B 256 15.83 4.30 -10.45
CA ARG B 256 16.86 3.82 -9.55
C ARG B 256 16.54 2.41 -9.09
N ARG B 257 17.51 1.51 -9.15
CA ARG B 257 17.30 0.13 -8.72
C ARG B 257 17.37 0.06 -7.20
N LEU B 258 16.26 -0.30 -6.57
CA LEU B 258 16.21 -0.42 -5.11
C LEU B 258 16.62 -1.80 -4.62
N ASP B 259 16.88 -2.75 -5.52
CA ASP B 259 17.27 -4.09 -5.10
C ASP B 259 18.65 -4.05 -4.45
N ASP B 260 18.84 -4.90 -3.44
CA ASP B 260 20.10 -4.94 -2.71
C ASP B 260 21.21 -5.65 -3.48
N LYS B 261 20.86 -6.49 -4.46
CA LYS B 261 21.84 -7.24 -5.24
C LYS B 261 22.75 -8.06 -4.34
N THR B 262 22.15 -8.77 -3.37
CA THR B 262 22.93 -9.52 -2.39
C THR B 262 23.73 -10.63 -3.05
N THR B 263 23.11 -11.38 -3.96
CA THR B 263 23.71 -12.53 -4.62
C THR B 263 24.18 -13.60 -3.63
N SER B 264 23.59 -13.61 -2.43
CA SER B 264 23.90 -14.60 -1.41
C SER B 264 22.62 -15.35 -1.04
N GLU B 265 22.69 -16.68 -1.05
CA GLU B 265 21.49 -17.49 -0.84
C GLU B 265 20.90 -17.31 0.55
N SER B 266 21.69 -16.84 1.52
CA SER B 266 21.17 -16.67 2.87
C SER B 266 20.25 -15.45 2.97
N LEU B 267 20.42 -14.46 2.10
CA LEU B 267 19.64 -13.24 2.15
C LEU B 267 18.51 -13.21 1.12
N TYR B 268 18.28 -14.33 0.43
CA TYR B 268 17.17 -14.46 -0.52
C TYR B 268 17.29 -13.41 -1.62
N PRO B 269 18.24 -13.54 -2.53
CA PRO B 269 18.45 -12.51 -3.55
C PRO B 269 17.27 -12.40 -4.51
N GLY B 270 17.08 -11.21 -5.06
CA GLY B 270 16.00 -10.96 -5.97
C GLY B 270 14.68 -10.78 -5.25
N TYR B 271 13.61 -10.77 -6.05
CA TYR B 271 12.24 -10.63 -5.55
C TYR B 271 11.42 -11.80 -6.03
N ASN B 272 10.84 -12.54 -5.10
CA ASN B 272 9.98 -13.67 -5.44
C ASN B 272 9.09 -13.97 -4.24
N PHE B 273 8.02 -14.72 -4.51
CA PHE B 273 7.11 -15.14 -3.45
C PHE B 273 6.39 -16.42 -3.90
N ARG B 274 5.47 -16.87 -3.05
CA ARG B 274 4.70 -18.08 -3.30
C ARG B 274 3.22 -17.74 -3.30
N TYR B 275 2.50 -18.21 -4.33
CA TYR B 275 1.08 -17.99 -4.47
C TYR B 275 0.37 -19.34 -4.43
N ALA B 276 -0.78 -19.39 -3.77
CA ALA B 276 -1.50 -20.63 -3.57
C ALA B 276 -2.91 -20.53 -4.14
N LYS B 277 -3.34 -21.57 -4.84
CA LYS B 277 -4.71 -21.68 -5.32
C LYS B 277 -5.30 -22.97 -4.79
N TYR B 278 -6.40 -22.85 -4.04
CA TYR B 278 -7.03 -23.99 -3.38
C TYR B 278 -8.30 -24.38 -4.13
N TYR B 279 -8.53 -25.68 -4.27
CA TYR B 279 -9.70 -26.18 -4.97
C TYR B 279 -10.03 -27.57 -4.44
N LYS B 280 -11.01 -28.22 -5.07
CA LYS B 280 -11.45 -29.54 -4.69
C LYS B 280 -11.45 -30.45 -5.91
N GLU B 281 -11.02 -31.69 -5.71
CA GLU B 281 -11.00 -32.69 -6.76
C GLU B 281 -11.34 -34.04 -6.15
N ASN B 282 -12.36 -34.70 -6.70
CA ASN B 282 -12.84 -35.99 -6.20
C ASN B 282 -13.16 -35.91 -4.71
N ASN B 283 -13.80 -34.80 -4.31
CA ASN B 283 -14.15 -34.53 -2.91
C ASN B 283 -12.93 -34.53 -2.00
N VAL B 284 -11.78 -34.09 -2.53
CA VAL B 284 -10.54 -33.99 -1.76
C VAL B 284 -10.01 -32.57 -1.93
N GLU B 285 -9.67 -31.93 -0.82
CA GLU B 285 -9.08 -30.59 -0.87
C GLU B 285 -7.67 -30.66 -1.44
N LYS B 286 -7.36 -29.76 -2.37
CA LYS B 286 -6.05 -29.75 -3.01
C LYS B 286 -5.59 -28.31 -3.18
N ARG B 287 -4.28 -28.14 -3.32
CA ARG B 287 -3.67 -26.84 -3.51
C ARG B 287 -2.62 -26.91 -4.60
N THR B 288 -2.55 -25.87 -5.42
CA THR B 288 -1.49 -25.70 -6.40
C THR B 288 -0.68 -24.47 -6.05
N LEU B 289 0.65 -24.62 -6.04
CA LEU B 289 1.57 -23.60 -5.58
C LEU B 289 2.40 -23.10 -6.76
N ILE B 290 2.42 -21.78 -6.93
CA ILE B 290 3.19 -21.13 -7.98
C ILE B 290 4.24 -20.26 -7.30
N LYS B 291 5.51 -20.61 -7.51
CA LYS B 291 6.61 -19.75 -7.09
C LYS B 291 6.80 -18.70 -8.16
N VAL B 292 6.55 -17.44 -7.81
CA VAL B 292 6.51 -16.33 -8.76
C VAL B 292 7.73 -15.45 -8.55
N PHE B 293 8.51 -15.26 -9.61
CA PHE B 293 9.60 -14.30 -9.65
C PHE B 293 9.18 -13.14 -10.52
N GLY B 294 9.32 -11.92 -10.01
CA GLY B 294 8.85 -10.77 -10.76
C GLY B 294 9.68 -9.54 -10.47
N ILE B 295 9.21 -8.42 -11.00
CA ILE B 295 9.86 -7.13 -10.84
C ILE B 295 8.88 -6.19 -10.15
N ARG B 296 9.28 -5.65 -9.01
CA ARG B 296 8.42 -4.77 -8.22
C ARG B 296 8.82 -3.32 -8.51
N PHE B 297 7.89 -2.56 -9.07
CA PHE B 297 8.13 -1.17 -9.41
C PHE B 297 7.51 -0.26 -8.35
N ASP B 298 8.36 0.52 -7.68
CA ASP B 298 7.92 1.52 -6.73
C ASP B 298 7.90 2.89 -7.39
N ILE B 299 6.94 3.72 -6.99
CA ILE B 299 6.80 5.06 -7.52
C ILE B 299 6.97 6.02 -6.35
N LEU B 300 8.20 6.49 -6.15
CA LEU B 300 8.53 7.40 -5.05
C LEU B 300 8.36 8.82 -5.53
N VAL B 301 7.26 9.46 -5.14
CA VAL B 301 6.96 10.83 -5.54
C VAL B 301 7.31 11.75 -4.38
N PHE B 302 8.21 12.70 -4.64
CA PHE B 302 8.65 13.64 -3.63
C PHE B 302 8.83 15.01 -4.26
N GLY B 303 8.77 16.04 -3.43
CA GLY B 303 8.94 17.39 -3.92
C GLY B 303 8.54 18.39 -2.86
N THR B 304 8.55 19.66 -3.27
CA THR B 304 8.18 20.75 -2.39
C THR B 304 7.68 21.91 -3.23
N GLY B 305 6.92 22.80 -2.59
CA GLY B 305 6.39 23.97 -3.26
C GLY B 305 6.58 25.24 -2.45
N GLY B 306 7.12 26.28 -3.07
CA GLY B 306 7.44 27.52 -2.39
C GLY B 306 6.57 28.67 -2.88
N LYS B 307 6.05 29.44 -1.93
CA LYS B 307 5.24 30.62 -2.23
C LYS B 307 5.72 31.79 -1.39
N PHE B 308 5.63 32.99 -1.96
CA PHE B 308 6.16 34.17 -1.30
C PHE B 308 5.49 34.40 0.05
N ASN B 309 6.30 34.69 1.06
CA ASN B 309 5.82 34.96 2.42
C ASN B 309 6.55 36.18 2.97
N VAL B 310 5.80 37.12 3.53
CA VAL B 310 6.39 38.34 4.06
C VAL B 310 7.20 38.06 5.32
N ILE B 311 6.71 37.16 6.18
CA ILE B 311 7.38 36.89 7.45
C ILE B 311 8.75 36.27 7.22
N GLN B 312 8.85 35.33 6.28
CA GLN B 312 10.14 34.71 5.98
C GLN B 312 11.14 35.73 5.45
N LEU B 313 10.68 36.62 4.56
CA LEU B 313 11.55 37.66 4.04
C LEU B 313 12.02 38.59 5.14
N ALA B 314 11.12 38.98 6.04
CA ALA B 314 11.50 39.86 7.15
C ALA B 314 12.51 39.18 8.06
N VAL B 315 12.31 37.89 8.34
CA VAL B 315 13.24 37.17 9.20
C VAL B 315 14.61 37.07 8.55
N TYR B 316 14.66 36.77 7.25
CA TYR B 316 15.95 36.67 6.56
C TYR B 316 16.65 38.03 6.53
N ILE B 317 15.91 39.10 6.27
CA ILE B 317 16.51 40.43 6.25
C ILE B 317 17.05 40.78 7.63
N GLY B 318 16.31 40.44 8.69
CA GLY B 318 16.80 40.68 10.04
C GLY B 318 18.07 39.90 10.35
N SER B 319 18.13 38.65 9.89
CA SER B 319 19.34 37.85 10.08
C SER B 319 20.53 38.41 9.30
N VAL B 320 20.28 39.01 8.14
CA VAL B 320 21.35 39.55 7.31
C VAL B 320 21.80 40.95 7.76
N ILE B 321 20.92 41.68 8.45
CA ILE B 321 21.21 43.07 8.82
C ILE B 321 22.41 43.13 9.75
N SER B 322 22.41 42.32 10.82
CA SER B 322 23.53 42.31 11.74
C SER B 322 24.79 41.82 11.06
N TYR B 323 24.67 40.86 10.14
CA TYR B 323 25.83 40.34 9.43
C TYR B 323 26.53 41.44 8.65
N PHE B 324 25.79 42.17 7.81
CA PHE B 324 26.49 43.16 7.00
C PHE B 324 26.86 44.39 7.83
N GLY B 325 26.15 44.62 8.95
CA GLY B 325 26.57 45.67 9.85
C GLY B 325 27.93 45.38 10.47
N LEU B 326 28.14 44.14 10.92
CA LEU B 326 29.46 43.76 11.41
C LEU B 326 30.50 43.78 10.29
N ALA B 327 30.11 43.37 9.09
CA ALA B 327 31.04 43.40 7.96
C ALA B 327 31.51 44.83 7.70
N THR B 328 30.59 45.80 7.75
CA THR B 328 30.99 47.20 7.63
C THR B 328 31.85 47.64 8.79
N VAL B 329 31.50 47.21 10.01
CA VAL B 329 32.27 47.61 11.19
C VAL B 329 33.67 47.02 11.15
N PHE B 330 33.80 45.74 10.79
CA PHE B 330 35.10 45.10 10.74
C PHE B 330 35.90 45.56 9.53
N TRP C 11 32.30 41.48 31.68
CA TRP C 11 32.91 40.93 30.47
C TRP C 11 32.81 39.41 30.48
N ILE C 12 32.52 38.85 31.65
CA ILE C 12 32.33 37.41 31.76
C ILE C 12 31.11 36.96 30.97
N PHE C 13 30.06 37.80 30.95
CA PHE C 13 28.88 37.50 30.15
C PHE C 13 29.21 37.46 28.67
N HIS C 14 30.18 38.26 28.22
CA HIS C 14 30.59 38.23 26.83
C HIS C 14 31.12 36.85 26.44
N ALA C 15 31.72 36.12 27.39
CA ALA C 15 32.19 34.77 27.13
C ALA C 15 31.10 33.73 27.38
N LEU C 16 30.23 33.95 28.36
CA LEU C 16 29.14 33.02 28.60
C LEU C 16 28.19 32.94 27.41
N VAL C 17 27.90 34.10 26.79
CA VAL C 17 27.04 34.11 25.61
C VAL C 17 27.68 33.33 24.48
N PHE C 18 28.98 33.50 24.27
CA PHE C 18 29.66 32.76 23.22
C PHE C 18 29.69 31.26 23.53
N SER C 19 29.81 30.91 24.80
CA SER C 19 29.75 29.49 25.18
C SER C 19 28.39 28.90 24.85
N TYR C 20 27.31 29.62 25.17
CA TYR C 20 25.99 29.14 24.79
C TYR C 20 25.82 29.12 23.28
N ILE C 21 26.49 30.04 22.58
CA ILE C 21 26.46 30.07 21.12
C ILE C 21 27.01 28.78 20.56
N SER C 22 28.20 28.39 21.03
CA SER C 22 28.83 27.15 20.59
C SER C 22 27.99 25.95 21.00
N PHE C 23 27.41 25.98 22.19
CA PHE C 23 26.54 24.90 22.65
C PHE C 23 25.40 24.69 21.66
N ALA C 24 24.70 25.77 21.32
CA ALA C 24 23.59 25.66 20.38
C ALA C 24 24.06 25.18 19.01
N LEU C 25 25.15 25.75 18.51
CA LEU C 25 25.61 25.40 17.17
C LEU C 25 26.02 23.93 17.08
N ILE C 26 26.65 23.41 18.13
CA ILE C 26 27.11 22.02 18.09
C ILE C 26 25.94 21.07 18.31
N SER C 27 25.16 21.29 19.37
CA SER C 27 24.12 20.33 19.73
C SER C 27 22.97 20.34 18.72
N ASP C 28 22.48 21.53 18.36
CA ASP C 28 21.34 21.60 17.46
C ASP C 28 21.70 21.38 16.00
N LYS C 29 22.99 21.33 15.68
CA LYS C 29 23.46 21.17 14.30
C LYS C 29 22.86 22.24 13.39
N ARG C 30 22.97 23.49 13.82
CA ARG C 30 22.42 24.61 13.06
C ARG C 30 23.23 24.92 11.81
N TYR C 31 24.40 24.31 11.66
CA TYR C 31 25.26 24.52 10.49
C TYR C 31 24.96 23.54 9.38
N GLN C 32 23.93 22.71 9.52
CA GLN C 32 23.64 21.64 8.58
C GLN C 32 22.27 21.84 7.95
N LYS C 33 22.20 21.64 6.64
CA LYS C 33 20.91 21.53 5.96
C LYS C 33 20.39 20.11 6.14
N LYS C 34 19.16 20.01 6.63
CA LYS C 34 18.53 18.73 6.94
C LYS C 34 17.44 18.43 5.93
N GLU C 35 17.41 17.20 5.43
CA GLU C 35 16.50 16.82 4.38
C GLU C 35 15.80 15.50 4.73
N PRO C 36 14.52 15.34 4.35
CA PRO C 36 13.80 14.12 4.70
C PRO C 36 14.31 12.88 3.96
N LEU C 37 13.64 11.76 4.17
CA LEU C 37 14.11 10.44 3.75
C LEU C 37 13.11 9.79 2.82
N ILE C 38 13.63 9.07 1.83
CA ILE C 38 12.81 8.29 0.89
C ILE C 38 13.13 6.82 1.12
N SER C 39 12.12 6.03 1.45
CA SER C 39 12.34 4.67 1.95
C SER C 39 11.64 3.64 1.06
N SER C 40 12.25 2.45 1.00
CA SER C 40 11.65 1.29 0.35
C SER C 40 11.90 0.07 1.23
N VAL C 41 10.86 -0.73 1.47
CA VAL C 41 10.91 -1.84 2.41
C VAL C 41 10.56 -3.14 1.69
N HIS C 42 11.31 -4.20 2.02
CA HIS C 42 11.06 -5.53 1.45
C HIS C 42 11.22 -6.55 2.58
N THR C 43 10.17 -7.33 2.84
CA THR C 43 10.15 -8.24 3.97
C THR C 43 9.95 -9.67 3.52
N LYS C 44 10.44 -10.59 4.35
CA LYS C 44 10.29 -12.03 4.11
C LYS C 44 9.96 -12.70 5.43
N VAL C 45 8.82 -13.37 5.50
CA VAL C 45 8.34 -14.03 6.71
C VAL C 45 8.50 -15.53 6.54
N LYS C 46 9.03 -16.20 7.57
CA LYS C 46 9.27 -17.63 7.53
C LYS C 46 8.78 -18.30 8.81
N GLY C 47 8.38 -19.56 8.67
CA GLY C 47 7.84 -20.34 9.76
C GLY C 47 6.64 -21.16 9.36
N ILE C 48 6.52 -22.37 9.89
CA ILE C 48 5.40 -23.25 9.61
C ILE C 48 4.72 -23.62 10.92
N ALA C 49 3.40 -23.66 10.89
CA ALA C 49 2.60 -23.90 12.09
C ALA C 49 1.77 -25.17 11.93
N GLU C 50 1.84 -26.05 12.93
CA GLU C 50 1.05 -27.27 12.93
C GLU C 50 -0.22 -27.02 13.72
N VAL C 51 -1.35 -26.90 13.02
CA VAL C 51 -2.63 -26.58 13.65
C VAL C 51 -3.33 -27.89 13.97
N LYS C 52 -3.76 -28.04 15.23
CA LYS C 52 -4.48 -29.23 15.67
C LYS C 52 -5.36 -28.83 16.84
N ALA C 53 -6.66 -28.78 16.61
CA ALA C 53 -7.60 -28.35 17.65
C ALA C 53 -8.99 -28.90 17.36
N GLU C 54 -9.88 -28.68 18.32
CA GLU C 54 -11.28 -29.08 18.20
C GLU C 54 -12.16 -27.85 18.40
N ILE C 55 -13.15 -27.69 17.51
CA ILE C 55 -14.06 -26.55 17.55
C ILE C 55 -15.49 -27.06 17.55
N LEU C 56 -16.42 -26.15 17.78
CA LEU C 56 -17.85 -26.45 17.79
C LEU C 56 -18.53 -25.59 16.74
N GLU C 57 -18.97 -26.22 15.64
CA GLU C 57 -19.65 -25.54 14.55
C GLU C 57 -21.08 -26.04 14.48
N ASN C 58 -22.04 -25.11 14.57
CA ASN C 58 -23.47 -25.43 14.49
C ASN C 58 -23.85 -26.48 15.52
N GLY C 59 -23.24 -26.41 16.70
CA GLY C 59 -23.53 -27.36 17.76
C GLY C 59 -22.97 -28.74 17.52
N MET C 60 -21.97 -28.88 16.66
CA MET C 60 -21.36 -30.17 16.38
C MET C 60 -19.85 -30.05 16.52
N LYS C 61 -19.24 -31.07 17.14
CA LYS C 61 -17.79 -31.08 17.33
C LYS C 61 -17.09 -31.41 16.03
N LYS C 62 -16.05 -30.62 15.70
CA LYS C 62 -15.25 -30.83 14.50
C LYS C 62 -13.78 -30.69 14.86
N MET C 63 -12.93 -31.35 14.07
CA MET C 63 -11.49 -31.36 14.30
C MET C 63 -10.80 -30.62 13.16
N VAL C 64 -9.94 -29.67 13.51
CA VAL C 64 -9.15 -28.92 12.54
C VAL C 64 -7.71 -29.37 12.70
N SER C 65 -7.15 -29.99 11.65
CA SER C 65 -5.78 -30.48 11.69
C SER C 65 -5.12 -30.19 10.35
N GLY C 66 -3.89 -29.71 10.40
CA GLY C 66 -3.16 -29.43 9.18
C GLY C 66 -1.84 -28.75 9.47
N VAL C 67 -1.12 -28.43 8.40
CA VAL C 67 0.17 -27.74 8.46
C VAL C 67 0.09 -26.52 7.57
N PHE C 68 0.44 -25.36 8.12
CA PHE C 68 0.40 -24.10 7.41
C PHE C 68 1.83 -23.63 7.13
N ASP C 69 2.15 -23.45 5.86
CA ASP C 69 3.44 -22.92 5.44
C ASP C 69 3.28 -21.45 5.08
N THR C 70 4.34 -20.85 4.52
CA THR C 70 4.36 -19.42 4.25
C THR C 70 3.23 -19.00 3.30
N ALA C 71 2.80 -19.90 2.42
CA ALA C 71 1.78 -19.55 1.45
C ALA C 71 0.36 -19.66 2.01
N ASP C 72 0.20 -20.09 3.26
CA ASP C 72 -1.12 -20.36 3.81
C ASP C 72 -1.57 -19.37 4.88
N TYR C 73 -0.70 -18.45 5.31
CA TYR C 73 -1.08 -17.52 6.38
C TYR C 73 -0.63 -16.08 6.15
N THR C 74 -0.14 -15.72 4.97
CA THR C 74 0.32 -14.36 4.73
C THR C 74 0.20 -14.02 3.26
N PHE C 75 0.40 -12.75 2.95
CA PHE C 75 0.36 -12.20 1.62
C PHE C 75 1.60 -11.36 1.39
N PRO C 76 2.02 -11.18 0.13
CA PRO C 76 3.19 -10.35 -0.15
C PRO C 76 3.00 -8.93 0.35
N LEU C 77 4.11 -8.32 0.79
CA LEU C 77 4.06 -6.99 1.37
C LEU C 77 3.50 -5.98 0.38
N GLN C 78 2.58 -5.14 0.85
CA GLN C 78 1.99 -4.09 0.04
C GLN C 78 1.75 -2.87 0.92
N GLY C 79 2.26 -1.72 0.50
CA GLY C 79 2.08 -0.50 1.26
C GLY C 79 2.81 -0.48 2.60
N ASN C 80 4.05 -0.99 2.64
CA ASN C 80 4.88 -0.95 3.84
C ASN C 80 4.22 -1.65 5.02
N SER C 81 3.55 -2.77 4.75
CA SER C 81 2.88 -3.52 5.80
C SER C 81 2.63 -4.94 5.31
N PHE C 82 2.72 -5.90 6.24
CA PHE C 82 2.44 -7.30 5.93
C PHE C 82 1.52 -7.88 7.00
N PHE C 83 0.72 -8.86 6.59
CA PHE C 83 -0.32 -9.44 7.43
C PHE C 83 0.00 -10.90 7.73
N VAL C 84 -0.17 -11.30 8.99
CA VAL C 84 0.05 -12.68 9.42
C VAL C 84 -1.24 -13.17 10.07
N MET C 85 -1.86 -14.18 9.46
CA MET C 85 -3.10 -14.74 9.98
C MET C 85 -2.81 -15.55 11.24
N THR C 86 -3.71 -15.41 12.23
CA THR C 86 -3.57 -16.14 13.49
C THR C 86 -4.79 -16.96 13.88
N ASN C 87 -5.97 -16.66 13.34
CA ASN C 87 -7.17 -17.41 13.69
C ASN C 87 -8.16 -17.29 12.54
N PHE C 88 -9.01 -18.31 12.39
CA PHE C 88 -9.97 -18.29 11.29
C PHE C 88 -11.21 -19.09 11.66
N ILE C 89 -12.34 -18.66 11.11
CA ILE C 89 -13.61 -19.38 11.22
C ILE C 89 -14.14 -19.60 9.82
N LYS C 90 -14.37 -20.86 9.46
CA LYS C 90 -14.73 -21.23 8.10
C LYS C 90 -16.20 -21.62 8.01
N THR C 91 -16.87 -21.15 6.94
CA THR C 91 -18.23 -21.57 6.62
C THR C 91 -18.27 -21.93 5.14
N GLU C 92 -18.60 -23.18 4.85
CA GLU C 92 -18.55 -23.71 3.50
C GLU C 92 -19.93 -24.13 3.03
N GLY C 93 -20.14 -24.04 1.72
CA GLY C 93 -21.39 -24.47 1.12
C GLY C 93 -22.45 -23.39 0.97
N GLN C 94 -22.09 -22.12 1.12
CA GLN C 94 -23.07 -21.06 0.99
C GLN C 94 -23.49 -20.87 -0.47
N GLN C 95 -24.78 -20.59 -0.66
CA GLN C 95 -25.31 -20.29 -1.98
C GLN C 95 -26.42 -19.26 -1.83
N GLN C 96 -26.65 -18.49 -2.88
CA GLN C 96 -27.67 -17.45 -2.82
C GLN C 96 -29.06 -18.05 -2.69
N GLY C 97 -29.88 -17.47 -1.83
CA GLY C 97 -31.23 -17.96 -1.66
C GLY C 97 -31.90 -17.33 -0.46
N LEU C 98 -32.95 -17.99 0.02
CA LEU C 98 -33.74 -17.55 1.16
C LEU C 98 -33.43 -18.43 2.36
N CYS C 99 -33.17 -17.82 3.51
CA CYS C 99 -32.87 -18.57 4.71
C CYS C 99 -33.14 -17.69 5.92
N PRO C 100 -33.62 -18.27 7.03
CA PRO C 100 -33.84 -17.47 8.23
C PRO C 100 -32.53 -16.94 8.80
N ASP C 101 -32.62 -15.76 9.40
CA ASP C 101 -31.45 -15.14 10.02
C ASP C 101 -31.12 -15.81 11.33
N PHE C 102 -29.93 -15.51 11.85
CA PHE C 102 -29.50 -16.06 13.11
C PHE C 102 -30.40 -15.55 14.23
N PRO C 103 -30.76 -16.41 15.19
CA PRO C 103 -31.63 -15.96 16.29
C PRO C 103 -30.98 -14.87 17.14
N THR C 104 -31.54 -13.66 17.06
CA THR C 104 -31.02 -12.53 17.81
C THR C 104 -32.21 -11.66 18.22
N ALA C 105 -32.01 -10.83 19.24
CA ALA C 105 -33.08 -9.99 19.75
C ALA C 105 -33.63 -9.07 18.67
N ARG C 106 -32.78 -8.59 17.77
CA ARG C 106 -33.25 -7.71 16.70
C ARG C 106 -33.97 -8.48 15.60
N THR C 107 -33.52 -9.71 15.33
CA THR C 107 -34.07 -10.51 14.23
C THR C 107 -35.13 -11.49 14.68
N ILE C 108 -35.52 -11.50 15.96
CA ILE C 108 -36.52 -12.43 16.46
C ILE C 108 -37.92 -11.94 16.08
N CYS C 109 -38.84 -12.88 15.96
CA CYS C 109 -40.24 -12.54 15.68
C CYS C 109 -41.12 -13.67 16.14
N SER C 110 -42.37 -13.32 16.48
CA SER C 110 -43.41 -14.29 16.80
C SER C 110 -44.37 -14.50 15.64
N SER C 111 -44.59 -13.48 14.83
CA SER C 111 -45.43 -13.57 13.65
C SER C 111 -44.75 -12.81 12.51
N ASP C 112 -45.37 -12.89 11.32
CA ASP C 112 -44.80 -12.22 10.15
C ASP C 112 -44.83 -10.70 10.29
N ARG C 113 -45.68 -10.16 11.16
CA ARG C 113 -45.74 -8.71 11.35
C ARG C 113 -44.56 -8.17 12.15
N GLY C 114 -43.72 -9.04 12.71
CA GLY C 114 -42.61 -8.57 13.51
C GLY C 114 -41.60 -7.77 12.70
N CYS C 115 -41.29 -8.22 11.49
CA CYS C 115 -40.34 -7.53 10.64
C CYS C 115 -40.96 -7.31 9.27
N LYS C 116 -40.55 -6.24 8.60
CA LYS C 116 -41.11 -5.84 7.32
C LYS C 116 -40.17 -6.22 6.18
N LYS C 117 -40.75 -6.39 4.99
CA LYS C 117 -39.96 -6.72 3.81
C LYS C 117 -39.10 -5.54 3.39
N GLY C 118 -37.87 -5.82 2.99
CA GLY C 118 -36.94 -4.80 2.52
C GLY C 118 -36.15 -4.11 3.60
N ARG C 119 -36.37 -4.44 4.87
CA ARG C 119 -35.64 -3.80 5.95
C ARG C 119 -34.18 -4.22 5.93
N MET C 120 -33.29 -3.26 6.19
CA MET C 120 -31.84 -3.49 6.19
C MET C 120 -31.33 -3.25 7.60
N ASP C 121 -30.93 -4.32 8.28
CA ASP C 121 -30.38 -4.07 9.61
C ASP C 121 -28.86 -4.15 9.59
N PRO C 122 -28.19 -3.29 10.34
CA PRO C 122 -26.71 -3.30 10.34
C PRO C 122 -26.11 -4.60 10.80
N GLN C 123 -26.75 -5.32 11.73
CA GLN C 123 -26.21 -6.54 12.29
C GLN C 123 -26.50 -7.77 11.45
N SER C 124 -27.24 -7.64 10.36
CA SER C 124 -27.58 -8.76 9.50
C SER C 124 -26.91 -8.60 8.13
N LYS C 125 -26.69 -9.74 7.47
CA LYS C 125 -26.05 -9.79 6.17
C LYS C 125 -27.02 -10.18 5.06
N GLY C 126 -28.33 -9.93 5.26
CA GLY C 126 -29.32 -10.32 4.29
C GLY C 126 -30.40 -9.27 4.13
N ILE C 127 -31.11 -9.36 3.01
CA ILE C 127 -32.21 -8.46 2.70
C ILE C 127 -33.49 -9.08 3.23
N GLN C 128 -34.17 -8.37 4.12
CA GLN C 128 -35.34 -8.91 4.79
C GLN C 128 -36.53 -8.99 3.84
N THR C 129 -37.28 -10.09 3.92
CA THR C 129 -38.44 -10.30 3.05
C THR C 129 -39.75 -10.42 3.84
N GLY C 130 -39.69 -10.41 5.17
CA GLY C 130 -40.89 -10.42 5.97
C GLY C 130 -41.66 -11.74 5.96
N ARG C 131 -41.06 -12.79 6.52
CA ARG C 131 -41.75 -14.07 6.66
C ARG C 131 -41.13 -14.81 7.84
N CYS C 132 -41.81 -14.78 8.99
CA CYS C 132 -41.30 -15.37 10.21
C CYS C 132 -41.47 -16.89 10.14
N VAL C 133 -40.39 -17.58 9.81
CA VAL C 133 -40.39 -19.03 9.66
C VAL C 133 -39.61 -19.66 10.82
N VAL C 134 -39.84 -20.95 11.02
CA VAL C 134 -39.19 -21.68 12.11
C VAL C 134 -37.71 -21.87 11.77
N TYR C 135 -36.85 -21.62 12.76
CA TYR C 135 -35.41 -21.78 12.59
C TYR C 135 -34.93 -23.12 13.15
N LYS C 136 -35.17 -23.36 14.44
CA LYS C 136 -34.79 -24.62 15.08
C LYS C 136 -35.44 -24.77 16.44
N GLU C 137 -36.10 -25.89 16.67
CA GLU C 137 -36.73 -26.22 17.95
C GLU C 137 -37.73 -25.14 18.37
N ARG C 138 -38.76 -24.98 17.54
CA ARG C 138 -39.87 -24.07 17.80
C ARG C 138 -39.38 -22.64 18.03
N LEU C 139 -38.37 -22.23 17.25
CA LEU C 139 -37.85 -20.87 17.30
C LEU C 139 -38.11 -20.22 15.94
N LYS C 140 -38.71 -19.03 15.96
CA LYS C 140 -39.16 -18.36 14.75
C LYS C 140 -38.36 -17.10 14.50
N THR C 141 -37.76 -16.99 13.32
CA THR C 141 -37.10 -15.78 12.87
C THR C 141 -37.56 -15.51 11.44
N CYS C 142 -37.59 -14.24 11.05
CA CYS C 142 -38.09 -13.89 9.72
C CYS C 142 -36.96 -13.95 8.72
N GLU C 143 -37.20 -14.68 7.62
CA GLU C 143 -36.16 -15.06 6.70
C GLU C 143 -35.63 -13.88 5.90
N VAL C 144 -34.42 -14.05 5.36
CA VAL C 144 -33.77 -13.04 4.54
C VAL C 144 -33.22 -13.69 3.28
N SER C 145 -33.01 -12.87 2.26
CA SER C 145 -32.45 -13.30 0.99
C SER C 145 -30.98 -12.93 0.96
N ALA C 146 -30.11 -13.93 1.02
CA ALA C 146 -28.67 -13.72 1.06
C ALA C 146 -27.98 -15.05 0.81
N TRP C 147 -26.67 -15.10 1.07
CA TRP C 147 -25.96 -16.36 1.08
C TRP C 147 -26.46 -17.22 2.25
N CYS C 148 -26.64 -18.50 1.98
CA CYS C 148 -27.19 -19.43 2.97
C CYS C 148 -26.30 -20.66 3.05
N PRO C 149 -26.17 -21.25 4.24
CA PRO C 149 -26.75 -20.83 5.53
C PRO C 149 -26.04 -19.61 6.11
N ILE C 150 -26.74 -18.81 6.92
CA ILE C 150 -26.13 -17.62 7.51
C ILE C 150 -25.01 -18.03 8.46
N GLU C 151 -23.88 -17.35 8.36
CA GLU C 151 -22.73 -17.67 9.20
C GLU C 151 -23.08 -17.53 10.67
N GLU C 152 -22.65 -18.50 11.46
CA GLU C 152 -22.96 -18.50 12.89
C GLU C 152 -22.25 -17.35 13.58
N VAL C 153 -22.96 -16.67 14.48
CA VAL C 153 -22.39 -15.56 15.24
C VAL C 153 -21.74 -16.15 16.49
N LYS C 154 -20.44 -16.41 16.40
CA LYS C 154 -19.69 -16.99 17.50
C LYS C 154 -18.37 -16.26 17.67
N ASP C 155 -17.84 -16.31 18.89
CA ASP C 155 -16.55 -15.70 19.15
C ASP C 155 -15.42 -16.57 18.60
N ALA C 156 -14.23 -15.97 18.55
CA ALA C 156 -13.05 -16.72 18.10
C ALA C 156 -12.73 -17.83 19.08
N PRO C 157 -12.12 -18.92 18.62
CA PRO C 157 -11.74 -20.01 19.53
C PRO C 157 -10.84 -19.51 20.65
N ARG C 158 -11.11 -19.99 21.87
CA ARG C 158 -10.35 -19.51 23.02
C ARG C 158 -8.86 -19.82 22.93
N PRO C 159 -8.42 -21.04 22.54
CA PRO C 159 -7.01 -21.21 22.20
C PRO C 159 -6.76 -20.80 20.75
N ALA C 160 -5.86 -19.85 20.53
CA ALA C 160 -5.59 -19.38 19.17
C ALA C 160 -5.11 -20.53 18.30
N LEU C 161 -5.71 -20.65 17.11
CA LEU C 161 -5.38 -21.75 16.21
C LEU C 161 -3.92 -21.69 15.78
N LEU C 162 -3.49 -20.54 15.27
CA LEU C 162 -2.10 -20.33 14.88
C LEU C 162 -1.35 -19.60 15.99
N ASN C 163 -1.34 -20.21 17.18
CA ASN C 163 -0.54 -19.66 18.28
C ASN C 163 0.95 -19.76 17.97
N SER C 164 1.38 -20.87 17.36
CA SER C 164 2.77 -21.06 16.99
C SER C 164 3.29 -19.96 16.08
N ALA C 165 2.41 -19.08 15.59
CA ALA C 165 2.86 -17.94 14.80
C ALA C 165 3.74 -17.00 15.62
N GLU C 166 3.73 -17.13 16.94
CA GLU C 166 4.66 -16.35 17.76
C GLU C 166 6.10 -16.75 17.51
N ASN C 167 6.34 -17.91 16.89
CA ASN C 167 7.69 -18.39 16.63
C ASN C 167 8.19 -18.05 15.23
N PHE C 168 7.39 -17.35 14.42
CA PHE C 168 7.81 -17.02 13.07
C PHE C 168 8.87 -15.92 13.10
N THR C 169 9.68 -15.86 12.03
CA THR C 169 10.74 -14.88 11.93
C THR C 169 10.57 -14.05 10.67
N VAL C 170 10.77 -12.74 10.80
CA VAL C 170 10.62 -11.81 9.68
C VAL C 170 11.95 -11.11 9.44
N LEU C 171 12.40 -11.10 8.19
CA LEU C 171 13.61 -10.40 7.78
C LEU C 171 13.21 -9.17 6.98
N ILE C 172 13.73 -8.02 7.36
CA ILE C 172 13.36 -6.72 6.79
C ILE C 172 14.58 -6.10 6.13
N LYS C 173 14.43 -5.70 4.88
CA LYS C 173 15.45 -4.97 4.15
C LYS C 173 14.91 -3.57 3.83
N ASN C 174 15.64 -2.55 4.26
CA ASN C 174 15.22 -1.16 4.08
C ASN C 174 16.29 -0.45 3.26
N ASN C 175 15.86 0.21 2.19
CA ASN C 175 16.74 1.00 1.34
C ASN C 175 16.28 2.45 1.41
N ILE C 176 17.17 3.33 1.87
CA ILE C 176 16.84 4.74 2.05
C ILE C 176 17.69 5.58 1.12
N ASP C 177 17.14 6.74 0.76
CA ASP C 177 17.76 7.66 -0.18
C ASP C 177 17.45 9.08 0.30
N PHE C 178 18.45 9.96 0.18
CA PHE C 178 18.25 11.39 0.40
C PHE C 178 18.40 12.07 -0.96
N PRO C 179 17.31 12.32 -1.68
CA PRO C 179 17.43 12.77 -3.07
C PRO C 179 18.18 14.08 -3.23
N GLY C 180 18.06 15.01 -2.28
CA GLY C 180 18.77 16.27 -2.41
C GLY C 180 20.28 16.08 -2.41
N HIS C 181 20.79 15.28 -1.49
CA HIS C 181 22.20 14.91 -1.50
C HIS C 181 22.41 13.73 -2.43
N ASN C 182 23.67 13.36 -2.62
CA ASN C 182 24.00 12.16 -3.40
C ASN C 182 24.26 10.98 -2.48
N TYR C 183 23.27 10.66 -1.65
CA TYR C 183 23.43 9.60 -0.66
C TYR C 183 22.27 8.62 -0.71
N THR C 184 22.62 7.34 -0.83
CA THR C 184 21.68 6.23 -0.71
C THR C 184 22.36 5.11 0.04
N THR C 185 21.62 4.43 0.91
CA THR C 185 22.20 3.32 1.66
C THR C 185 21.11 2.31 1.97
N ARG C 186 21.51 1.20 2.59
CA ARG C 186 20.62 0.08 2.85
C ARG C 186 20.70 -0.34 4.31
N ASN C 187 19.71 -1.12 4.72
CA ASN C 187 19.62 -1.55 6.12
C ASN C 187 20.66 -2.60 6.47
N ILE C 188 21.01 -3.47 5.52
CA ILE C 188 21.94 -4.57 5.76
C ILE C 188 23.24 -4.22 5.05
N LEU C 189 24.26 -3.84 5.82
CA LEU C 189 25.57 -3.57 5.26
C LEU C 189 26.23 -4.87 4.81
N PRO C 190 27.15 -4.80 3.85
CA PRO C 190 27.87 -6.01 3.43
C PRO C 190 28.77 -6.54 4.54
N GLY C 191 28.97 -7.85 4.51
CA GLY C 191 29.81 -8.51 5.49
C GLY C 191 29.26 -8.49 6.91
N VAL C 192 27.97 -8.72 7.08
CA VAL C 192 27.33 -8.77 8.39
C VAL C 192 26.61 -10.11 8.52
N ASN C 193 26.54 -10.60 9.76
CA ASN C 193 25.90 -11.89 10.02
C ASN C 193 24.43 -11.85 9.61
N ILE C 194 23.96 -12.97 9.07
CA ILE C 194 22.56 -13.15 8.70
C ILE C 194 21.85 -14.12 9.62
N THR C 195 22.57 -14.72 10.57
CA THR C 195 21.98 -15.62 11.57
C THR C 195 21.83 -14.81 12.86
N CYS C 196 20.62 -14.33 13.11
CA CYS C 196 20.38 -13.42 14.22
C CYS C 196 18.99 -13.60 14.78
N THR C 197 18.83 -13.17 16.03
CA THR C 197 17.55 -12.92 16.67
C THR C 197 17.65 -11.59 17.38
N PHE C 198 16.83 -10.62 16.96
CA PHE C 198 17.02 -9.24 17.38
C PHE C 198 16.95 -9.11 18.90
N HIS C 199 17.88 -8.34 19.46
CA HIS C 199 17.93 -8.06 20.88
C HIS C 199 18.20 -6.57 21.08
N LYS C 200 17.65 -6.03 22.17
CA LYS C 200 17.79 -4.60 22.42
C LYS C 200 19.24 -4.21 22.64
N THR C 201 20.00 -5.04 23.34
CA THR C 201 21.39 -4.75 23.69
C THR C 201 22.39 -5.72 23.06
N GLN C 202 22.04 -7.00 22.96
CA GLN C 202 23.01 -7.99 22.47
C GLN C 202 23.21 -7.88 20.96
N ASN C 203 22.13 -7.67 20.21
CA ASN C 203 22.20 -7.60 18.75
C ASN C 203 21.20 -6.57 18.25
N PRO C 204 21.56 -5.30 18.27
CA PRO C 204 20.62 -4.23 17.89
C PRO C 204 20.65 -3.81 16.44
N GLN C 205 21.37 -4.52 15.56
CA GLN C 205 21.50 -4.10 14.17
C GLN C 205 21.02 -5.14 13.16
N CYS C 206 21.06 -6.42 13.49
CA CYS C 206 20.59 -7.45 12.58
C CYS C 206 19.07 -7.41 12.48
N PRO C 207 18.52 -7.38 11.26
CA PRO C 207 17.09 -7.07 11.10
C PRO C 207 16.15 -8.25 11.17
N ILE C 208 16.60 -9.40 11.68
CA ILE C 208 15.73 -10.56 11.81
C ILE C 208 14.98 -10.46 13.13
N PHE C 209 13.66 -10.31 13.06
CA PHE C 209 12.82 -10.13 14.23
C PHE C 209 11.94 -11.36 14.46
N ARG C 210 11.78 -11.73 15.72
CA ARG C 210 10.83 -12.75 16.13
C ARG C 210 9.57 -12.06 16.66
N LEU C 211 8.41 -12.50 16.19
CA LEU C 211 7.16 -11.82 16.53
C LEU C 211 6.91 -11.86 18.04
N GLY C 212 7.14 -13.02 18.66
CA GLY C 212 7.02 -13.10 20.11
C GLY C 212 7.93 -12.13 20.82
N ASP C 213 9.16 -11.98 20.32
CA ASP C 213 10.07 -10.99 20.90
C ASP C 213 9.55 -9.58 20.72
N ILE C 214 8.96 -9.29 19.55
CA ILE C 214 8.40 -7.95 19.31
C ILE C 214 7.31 -7.66 20.33
N PHE C 215 6.41 -8.61 20.56
CA PHE C 215 5.35 -8.41 21.52
C PHE C 215 5.88 -8.36 22.95
N GLN C 216 6.98 -9.05 23.22
CA GLN C 216 7.57 -9.01 24.56
C GLN C 216 8.17 -7.65 24.85
N GLU C 217 8.92 -7.08 23.89
CA GLU C 217 9.46 -5.74 24.10
C GLU C 217 8.36 -4.69 24.15
N THR C 218 7.32 -4.84 23.31
CA THR C 218 6.25 -3.84 23.30
C THR C 218 5.49 -3.83 24.63
N GLY C 219 5.16 -5.00 25.16
CA GLY C 219 4.53 -5.10 26.48
C GLY C 219 3.31 -5.99 26.55
N ASP C 220 2.72 -6.41 25.43
CA ASP C 220 1.55 -7.27 25.46
C ASP C 220 1.95 -8.73 25.39
N SER C 221 0.95 -9.61 25.42
CA SER C 221 1.14 -11.04 25.26
C SER C 221 0.63 -11.45 23.89
N PHE C 222 1.39 -12.31 23.21
CA PHE C 222 1.03 -12.66 21.83
C PHE C 222 -0.27 -13.46 21.77
N SER C 223 -0.52 -14.32 22.76
CA SER C 223 -1.71 -15.16 22.72
C SER C 223 -2.98 -14.33 22.75
N ASP C 224 -3.08 -13.39 23.69
CA ASP C 224 -4.28 -12.58 23.81
C ASP C 224 -4.52 -11.73 22.57
N VAL C 225 -3.45 -11.14 22.02
CA VAL C 225 -3.60 -10.32 20.82
C VAL C 225 -4.01 -11.19 19.64
N ALA C 226 -3.36 -12.34 19.46
CA ALA C 226 -3.68 -13.22 18.35
C ALA C 226 -5.06 -13.85 18.47
N ILE C 227 -5.64 -13.86 19.66
CA ILE C 227 -7.00 -14.39 19.82
C ILE C 227 -7.99 -13.60 18.98
N GLN C 228 -7.88 -12.27 19.03
CA GLN C 228 -8.79 -11.39 18.30
C GLN C 228 -8.10 -10.51 17.27
N GLY C 229 -6.78 -10.64 17.10
CA GLY C 229 -6.05 -9.81 16.16
C GLY C 229 -5.59 -8.50 16.75
N GLY C 230 -4.81 -7.78 15.97
CA GLY C 230 -4.29 -6.49 16.41
C GLY C 230 -3.45 -5.87 15.32
N ILE C 231 -2.99 -4.65 15.59
CA ILE C 231 -2.13 -3.90 14.68
C ILE C 231 -0.89 -3.47 15.44
N MET C 232 0.27 -3.66 14.83
CA MET C 232 1.53 -3.25 15.42
C MET C 232 2.36 -2.46 14.41
N GLY C 233 3.41 -1.80 14.89
CA GLY C 233 4.26 -1.01 14.04
C GLY C 233 5.72 -1.11 14.43
N ILE C 234 6.58 -1.38 13.45
CA ILE C 234 8.01 -1.47 13.64
C ILE C 234 8.61 -0.17 13.11
N GLU C 235 8.99 0.72 14.02
CA GLU C 235 9.54 2.01 13.65
C GLU C 235 11.04 1.89 13.42
N ILE C 236 11.50 2.26 12.23
CA ILE C 236 12.92 2.29 11.90
C ILE C 236 13.32 3.76 11.75
N TYR C 237 14.16 4.24 12.66
CA TYR C 237 14.54 5.65 12.71
C TYR C 237 15.96 5.80 12.20
N TRP C 238 16.13 6.69 11.21
CA TRP C 238 17.42 6.95 10.59
C TRP C 238 17.88 8.35 10.99
N ASP C 239 18.85 8.43 11.88
CA ASP C 239 19.48 9.70 12.26
C ASP C 239 20.88 9.69 11.65
N CYS C 240 21.04 10.36 10.52
CA CYS C 240 22.25 10.25 9.71
C CYS C 240 22.95 11.59 9.63
N ASN C 241 24.25 11.59 9.89
CA ASN C 241 25.14 12.74 9.72
C ASN C 241 26.07 12.38 8.57
N LEU C 242 25.93 13.10 7.45
CA LEU C 242 26.63 12.78 6.22
C LEU C 242 27.93 13.54 6.03
N ASP C 243 28.33 14.37 6.98
CA ASP C 243 29.58 15.11 6.86
C ASP C 243 30.77 14.14 6.87
N GLY C 244 31.78 14.46 6.06
CA GLY C 244 32.92 13.57 5.95
C GLY C 244 33.70 13.41 7.25
N TRP C 245 33.78 14.47 8.06
CA TRP C 245 34.52 14.39 9.31
C TRP C 245 33.86 13.43 10.29
N PHE C 246 32.55 13.55 10.45
CA PHE C 246 31.77 12.69 11.37
C PHE C 246 30.58 12.14 10.58
N HIS C 247 30.78 10.99 9.94
CA HIS C 247 29.78 10.37 9.10
C HIS C 247 29.26 9.12 9.79
N HIS C 248 27.94 9.07 10.00
CA HIS C 248 27.29 7.87 10.51
C HIS C 248 25.84 7.85 10.05
N CYS C 249 25.41 6.73 9.48
CA CYS C 249 24.03 6.58 8.99
C CYS C 249 23.59 5.15 9.29
N ARG C 250 23.03 4.94 10.48
CA ARG C 250 22.59 3.65 10.97
C ARG C 250 21.16 3.72 11.47
N PRO C 251 20.40 2.63 11.37
CA PRO C 251 19.01 2.64 11.84
C PRO C 251 18.86 2.21 13.28
N LYS C 252 17.75 2.63 13.87
CA LYS C 252 17.36 2.22 15.22
C LYS C 252 15.94 1.65 15.16
N TYR C 253 15.75 0.48 15.77
CA TYR C 253 14.48 -0.23 15.71
C TYR C 253 13.71 -0.08 17.01
N SER C 254 12.43 0.24 16.89
CA SER C 254 11.52 0.30 18.03
C SER C 254 10.20 -0.33 17.63
N PHE C 255 9.38 -0.67 18.62
CA PHE C 255 8.11 -1.32 18.38
C PHE C 255 7.01 -0.60 19.14
N ARG C 256 5.84 -0.46 18.51
CA ARG C 256 4.73 0.26 19.13
C ARG C 256 3.42 -0.33 18.66
N ARG C 257 2.50 -0.58 19.61
CA ARG C 257 1.20 -1.13 19.26
C ARG C 257 0.29 0.00 18.77
N LEU C 258 -0.11 -0.07 17.50
CA LEU C 258 -1.00 0.93 16.93
C LEU C 258 -2.47 0.62 17.13
N ASP C 259 -2.80 -0.54 17.70
CA ASP C 259 -4.20 -0.89 17.92
C ASP C 259 -4.82 0.02 18.97
N ASP C 260 -6.10 0.34 18.77
CA ASP C 260 -6.80 1.24 19.67
C ASP C 260 -7.19 0.59 20.99
N LYS C 261 -7.26 -0.74 21.05
CA LYS C 261 -7.65 -1.47 22.26
C LYS C 261 -9.00 -0.98 22.78
N THR C 262 -9.97 -0.86 21.87
CA THR C 262 -11.28 -0.32 22.23
C THR C 262 -12.00 -1.22 23.23
N THR C 263 -11.96 -2.53 23.00
CA THR C 263 -12.67 -3.52 23.81
C THR C 263 -14.17 -3.25 23.89
N SER C 264 -14.71 -2.55 22.89
CA SER C 264 -16.14 -2.27 22.80
C SER C 264 -16.68 -2.83 21.49
N GLU C 265 -17.77 -3.59 21.58
CA GLU C 265 -18.29 -4.27 20.40
C GLU C 265 -18.75 -3.31 19.31
N SER C 266 -19.08 -2.06 19.68
CA SER C 266 -19.56 -1.12 18.68
C SER C 266 -18.43 -0.61 17.78
N LEU C 267 -17.20 -0.63 18.27
CA LEU C 267 -16.05 -0.11 17.52
C LEU C 267 -15.24 -1.22 16.86
N TYR C 268 -15.71 -2.47 16.90
CA TYR C 268 -15.05 -3.59 16.25
C TYR C 268 -13.63 -3.77 16.75
N PRO C 269 -13.45 -4.23 17.99
CA PRO C 269 -12.10 -4.33 18.55
C PRO C 269 -11.24 -5.35 17.81
N GLY C 270 -9.93 -5.12 17.83
CA GLY C 270 -9.00 -5.99 17.15
C GLY C 270 -8.98 -5.75 15.65
N TYR C 271 -8.28 -6.65 14.96
CA TYR C 271 -8.15 -6.60 13.51
C TYR C 271 -8.66 -7.91 12.93
N ASN C 272 -9.64 -7.82 12.04
CA ASN C 272 -10.19 -9.00 11.38
C ASN C 272 -10.89 -8.56 10.11
N PHE C 273 -11.12 -9.53 9.23
CA PHE C 273 -11.85 -9.27 7.99
C PHE C 273 -12.50 -10.57 7.51
N ARG C 274 -13.15 -10.48 6.36
CA ARG C 274 -13.85 -11.61 5.76
C ARG C 274 -13.27 -11.88 4.38
N TYR C 275 -12.89 -13.13 4.12
CA TYR C 275 -12.35 -13.55 2.84
C TYR C 275 -13.33 -14.51 2.18
N ALA C 276 -13.49 -14.40 0.87
CA ALA C 276 -14.47 -15.20 0.14
C ALA C 276 -13.77 -15.96 -0.97
N LYS C 277 -14.14 -17.24 -1.13
CA LYS C 277 -13.66 -18.06 -2.23
C LYS C 277 -14.86 -18.63 -2.96
N TYR C 278 -14.95 -18.36 -4.25
CA TYR C 278 -16.09 -18.76 -5.07
C TYR C 278 -15.72 -19.95 -5.94
N TYR C 279 -16.65 -20.88 -6.08
CA TYR C 279 -16.42 -22.07 -6.89
C TYR C 279 -17.77 -22.60 -7.39
N LYS C 280 -17.73 -23.76 -8.05
CA LYS C 280 -18.91 -24.39 -8.59
C LYS C 280 -18.98 -25.84 -8.12
N GLU C 281 -20.19 -26.27 -7.76
CA GLU C 281 -20.42 -27.64 -7.34
C GLU C 281 -21.77 -28.09 -7.88
N ASN C 282 -21.78 -29.21 -8.60
CA ASN C 282 -22.99 -29.74 -9.22
C ASN C 282 -23.67 -28.68 -10.08
N ASN C 283 -22.86 -27.95 -10.84
CA ASN C 283 -23.33 -26.88 -11.72
C ASN C 283 -24.10 -25.80 -10.94
N VAL C 284 -23.69 -25.56 -9.70
CA VAL C 284 -24.29 -24.55 -8.84
C VAL C 284 -23.19 -23.67 -8.28
N GLU C 285 -23.33 -22.36 -8.41
CA GLU C 285 -22.35 -21.44 -7.85
C GLU C 285 -22.42 -21.48 -6.33
N LYS C 286 -21.25 -21.50 -5.68
CA LYS C 286 -21.16 -21.57 -4.24
C LYS C 286 -20.00 -20.70 -3.76
N ARG C 287 -20.07 -20.30 -2.49
CA ARG C 287 -19.04 -19.48 -1.87
C ARG C 287 -18.72 -20.01 -0.49
N THR C 288 -17.43 -19.99 -0.14
CA THR C 288 -16.98 -20.29 1.21
C THR C 288 -16.37 -19.04 1.83
N LEU C 289 -16.77 -18.75 3.06
CA LEU C 289 -16.41 -17.53 3.75
C LEU C 289 -15.53 -17.85 4.95
N ILE C 290 -14.38 -17.19 5.03
CA ILE C 290 -13.44 -17.36 6.13
C ILE C 290 -13.32 -16.03 6.85
N LYS C 291 -13.75 -16.00 8.11
CA LYS C 291 -13.51 -14.84 8.96
C LYS C 291 -12.10 -14.98 9.52
N VAL C 292 -11.23 -14.04 9.15
CA VAL C 292 -9.79 -14.13 9.43
C VAL C 292 -9.45 -13.07 10.48
N PHE C 293 -8.89 -13.52 11.60
CA PHE C 293 -8.31 -12.65 12.61
C PHE C 293 -6.80 -12.76 12.54
N GLY C 294 -6.12 -11.63 12.46
CA GLY C 294 -4.67 -11.67 12.32
C GLY C 294 -4.03 -10.40 12.83
N ILE C 295 -2.71 -10.37 12.76
CA ILE C 295 -1.92 -9.26 13.26
C ILE C 295 -1.35 -8.50 12.07
N ARG C 296 -1.66 -7.22 11.98
CA ARG C 296 -1.20 -6.38 10.87
C ARG C 296 0.02 -5.60 11.33
N PHE C 297 1.19 -5.96 10.79
CA PHE C 297 2.44 -5.30 11.14
C PHE C 297 2.71 -4.16 10.18
N ASP C 298 2.88 -2.95 10.72
CA ASP C 298 3.25 -1.78 9.94
C ASP C 298 4.73 -1.50 10.12
N ILE C 299 5.35 -0.95 9.08
CA ILE C 299 6.76 -0.60 9.12
C ILE C 299 6.85 0.89 8.82
N LEU C 300 6.88 1.70 9.87
CA LEU C 300 6.94 3.15 9.76
C LEU C 300 8.40 3.57 9.76
N VAL C 301 8.93 3.89 8.58
CA VAL C 301 10.32 4.30 8.43
C VAL C 301 10.36 5.82 8.31
N PHE C 302 11.10 6.46 9.21
CA PHE C 302 11.20 7.91 9.25
C PHE C 302 12.61 8.30 9.64
N GLY C 303 13.00 9.51 9.27
CA GLY C 303 14.31 10.00 9.62
C GLY C 303 14.64 11.26 8.83
N THR C 304 15.88 11.70 8.99
CA THR C 304 16.37 12.88 8.30
C THR C 304 17.88 12.78 8.14
N GLY C 305 18.40 13.50 7.16
CA GLY C 305 19.83 13.51 6.92
C GLY C 305 20.37 14.93 6.78
N GLY C 306 21.44 15.23 7.50
CA GLY C 306 22.00 16.58 7.53
C GLY C 306 23.38 16.62 6.89
N LYS C 307 23.61 17.63 6.05
CA LYS C 307 24.90 17.84 5.43
C LYS C 307 25.30 19.30 5.57
N PHE C 308 26.61 19.54 5.67
CA PHE C 308 27.10 20.90 5.91
C PHE C 308 26.69 21.84 4.78
N ASN C 309 26.19 23.01 5.16
CA ASN C 309 25.78 24.04 4.20
C ASN C 309 26.31 25.38 4.69
N VAL C 310 27.00 26.10 3.80
CA VAL C 310 27.56 27.40 4.17
C VAL C 310 26.45 28.42 4.41
N ILE C 311 25.36 28.33 3.63
CA ILE C 311 24.30 29.32 3.72
C ILE C 311 23.61 29.25 5.08
N GLN C 312 23.33 28.05 5.57
CA GLN C 312 22.69 27.90 6.88
C GLN C 312 23.60 28.41 7.99
N LEU C 313 24.90 28.12 7.90
CA LEU C 313 25.84 28.63 8.90
C LEU C 313 25.89 30.14 8.89
N ALA C 314 25.93 30.75 7.71
CA ALA C 314 25.95 32.22 7.62
C ALA C 314 24.66 32.81 8.19
N VAL C 315 23.52 32.20 7.89
CA VAL C 315 22.25 32.71 8.41
C VAL C 315 22.21 32.63 9.92
N TYR C 316 22.65 31.50 10.49
CA TYR C 316 22.65 31.36 11.95
C TYR C 316 23.59 32.35 12.60
N ILE C 317 24.78 32.54 12.01
CA ILE C 317 25.75 33.49 12.57
C ILE C 317 25.18 34.90 12.52
N GLY C 318 24.54 35.27 11.40
CA GLY C 318 23.93 36.59 11.32
C GLY C 318 22.80 36.77 12.31
N SER C 319 22.01 35.72 12.54
CA SER C 319 20.93 35.78 13.51
C SER C 319 21.43 35.93 14.94
N VAL C 320 22.58 35.35 15.26
CA VAL C 320 23.07 35.37 16.63
C VAL C 320 24.05 36.53 16.89
N ILE C 321 24.55 37.17 15.84
CA ILE C 321 25.48 38.29 16.00
C ILE C 321 24.80 39.44 16.72
N SER C 322 23.58 39.79 16.30
CA SER C 322 22.85 40.85 16.98
C SER C 322 22.54 40.47 18.42
N TYR C 323 22.28 39.18 18.65
CA TYR C 323 21.99 38.71 20.01
C TYR C 323 23.17 38.97 20.94
N PHE C 324 24.37 38.53 20.54
CA PHE C 324 25.47 38.71 21.49
C PHE C 324 25.92 40.16 21.51
N GLY C 325 25.66 40.92 20.45
CA GLY C 325 25.92 42.35 20.48
C GLY C 325 25.08 43.06 21.52
N LEU C 326 23.78 42.76 21.57
CA LEU C 326 22.94 43.32 22.62
C LEU C 326 23.36 42.81 23.99
N ALA C 327 23.75 41.53 24.08
CA ALA C 327 24.20 40.99 25.36
C ALA C 327 25.41 41.76 25.88
N THR C 328 26.35 42.09 24.99
CA THR C 328 27.46 42.95 25.39
C THR C 328 26.99 44.35 25.76
N VAL C 329 26.05 44.90 24.98
CA VAL C 329 25.56 46.25 25.23
C VAL C 329 24.82 46.32 26.56
N PHE C 330 23.95 45.35 26.82
CA PHE C 330 23.17 45.33 28.06
C PHE C 330 24.03 44.95 29.26
C1 NAG D . -30.37 4.71 0.14
C2 NAG D . -31.18 4.28 -1.09
C3 NAG D . -32.43 5.14 -1.23
C4 NAG D . -33.24 5.14 0.07
C5 NAG D . -32.34 5.53 1.24
C6 NAG D . -33.04 5.44 2.58
C7 NAG D . -30.58 3.54 -3.35
C8 NAG D . -29.66 3.76 -4.52
N2 NAG D . -30.38 4.35 -2.30
O3 NAG D . -33.24 4.65 -2.29
O4 NAG D . -34.32 6.04 -0.02
O5 NAG D . -31.20 4.67 1.31
O6 NAG D . -32.10 5.37 3.65
O7 NAG D . -31.47 2.69 -3.36
C1 NAG E . -25.11 10.11 21.63
C2 NAG E . -25.01 10.60 23.08
C3 NAG E . -26.37 10.52 23.77
C4 NAG E . -27.42 11.25 22.95
C5 NAG E . -27.43 10.72 21.51
C6 NAG E . -28.38 11.47 20.61
C7 NAG E . -24.06 8.53 24.06
C8 NAG E . -22.93 7.97 24.86
N2 NAG E . -24.00 9.85 23.83
O3 NAG E . -26.27 11.10 25.06
O4 NAG E . -28.71 11.07 23.53
O5 NAG E . -26.13 10.85 20.94
O6 NAG E . -27.88 11.55 19.28
O7 NAG E . -24.98 7.83 23.65
C10 A1L0I F . -18.67 -11.47 -6.86
C11 A1L0I F . -17.56 -10.45 -7.09
C12 A1L0I F . -16.21 -11.08 -7.38
C13 A1L0I F . -16.15 -12.30 -7.96
C19 A1L0I F . -13.89 -7.24 -6.81
C20 A1L0I F . -13.73 -7.10 -5.45
C22 A1L0I F . -13.99 -8.21 -4.66
C24 A1L0I F . -17.43 -13.08 -8.36
C27 A1L0I F . -24.80 -12.17 -8.42
C17 A1L0I F . -14.53 -9.42 -6.54
C25 A1L0I F . -17.08 -14.54 -8.06
C02 A1L0I F . -22.38 -12.80 -8.07
C03 A1L0I F . -23.60 -12.45 -7.52
C04 A1L0I F . -23.74 -12.36 -6.14
C05 A1L0I F . -22.65 -12.62 -5.32
C06 A1L0I F . -21.43 -12.97 -5.88
C07 A1L0I F . -21.28 -13.04 -7.26
C08 A1L0I F . -19.95 -13.43 -7.90
F21 A1L0I F . -13.32 -5.92 -4.90
F28 A1L0I F . -25.57 -13.29 -8.49
F29 A1L0I F . -25.53 -11.13 -7.91
F30 A1L0I F . -24.36 -11.84 -9.67
N09 A1L0I F . -18.70 -12.68 -7.71
N14 A1L0I F . -14.84 -12.63 -8.10
N15 A1L0I F . -14.10 -11.61 -7.60
N16 A1L0I F . -14.95 -10.67 -7.15
N18 A1L0I F . -14.28 -8.39 -7.33
N23 A1L0I F . -14.39 -9.34 -5.24
O26 A1L0I F . -19.96 -14.39 -8.59
CL01 A1L0I F . -22.22 -12.90 -9.85
C1 NAG G . 10.22 -6.50 -28.24
C2 NAG G . 10.70 -7.92 -28.54
C3 NAG G . 11.75 -7.91 -29.66
C4 NAG G . 11.20 -7.18 -30.88
C5 NAG G . 10.71 -5.79 -30.49
C6 NAG G . 10.05 -5.05 -31.63
C7 NAG G . 11.22 -9.87 -27.14
C8 NAG G . 11.84 -10.34 -25.85
N2 NAG G . 11.26 -8.55 -27.34
O3 NAG G . 12.09 -9.24 -30.01
O4 NAG G . 12.21 -7.05 -31.87
O5 NAG G . 9.73 -5.89 -29.44
O6 NAG G . 9.20 -4.02 -31.15
O7 NAG G . 10.73 -10.64 -27.95
C1 NAG H . 1.67 14.41 -31.45
C2 NAG H . 1.24 15.81 -31.91
C3 NAG H . 1.09 15.85 -33.43
C4 NAG H . 2.36 15.34 -34.11
C5 NAG H . 2.72 13.96 -33.57
C6 NAG H . 4.03 13.44 -34.12
C7 NAG H . -1.16 15.61 -31.37
C8 NAG H . -2.30 16.23 -30.60
N2 NAG H . 0.02 16.23 -31.25
O3 NAG H . 0.82 17.19 -33.84
O4 NAG H . 2.16 15.26 -35.51
O5 NAG H . 2.86 14.02 -32.15
O6 NAG H . 4.71 12.64 -33.16
O7 NAG H . -1.31 14.61 -32.06
C10 A1L0I I . -1.61 -17.50 -14.63
C11 A1L0I I . -0.87 -16.74 -13.54
C12 A1L0I I . -1.46 -16.93 -12.17
C13 A1L0I I . -2.12 -18.07 -11.87
C19 A1L0I I . 0.88 -13.54 -10.26
C20 A1L0I I . 0.22 -12.39 -10.65
C22 A1L0I I . -1.04 -12.54 -11.19
C24 A1L0I I . -2.30 -19.21 -12.88
C27 A1L0I I . 0.01 -21.07 -19.70
C17 A1L0I I . -0.89 -14.82 -10.93
C25 A1L0I I . -3.73 -19.71 -12.66
C02 A1L0I I . -1.18 -20.40 -17.58
C03 A1L0I I . -0.96 -20.18 -18.92
C04 A1L0I I . -1.63 -19.16 -19.58
C05 A1L0I I . -2.50 -18.36 -18.88
C06 A1L0I I . -2.74 -18.58 -17.53
C07 A1L0I I . -2.05 -19.60 -16.87
C08 A1L0I I . -2.29 -19.88 -15.37
F21 A1L0I I . 0.78 -11.16 -10.49
F28 A1L0I I . -0.68 -22.03 -20.37
F29 A1L0I I . 0.72 -20.32 -20.59
F30 A1L0I I . 0.89 -21.67 -18.83
N09 A1L0I I . -2.08 -18.88 -14.32
N14 A1L0I I . -2.56 -17.97 -10.58
N15 A1L0I I . -2.15 -16.77 -10.09
N16 A1L0I I . -1.48 -16.13 -11.07
N18 A1L0I I . 0.31 -14.72 -10.40
N23 A1L0I I . -1.56 -13.75 -11.32
O26 A1L0I I . -2.64 -20.97 -15.09
CL01 A1L0I I . -0.30 -21.72 -16.75
C1 NAG J . 8.01 -21.83 20.08
C2 NAG J . 6.91 -22.73 20.66
C3 NAG J . 7.31 -23.24 22.03
C4 NAG J . 8.69 -23.90 21.99
C5 NAG J . 9.70 -22.96 21.37
C6 NAG J . 11.06 -23.59 21.17
C7 NAG J . 4.45 -22.66 20.62
C8 NAG J . 3.24 -21.78 20.71
N2 NAG J . 5.64 -22.04 20.71
O3 NAG J . 6.34 -24.17 22.51
O4 NAG J . 9.10 -24.26 23.30
O5 NAG J . 9.25 -22.54 20.07
O6 NAG J . 11.83 -22.88 20.21
O7 NAG J . 4.37 -23.87 20.48
C1 NAG K . 28.45 -14.56 13.24
C2 NAG K . 29.92 -14.20 13.00
C3 NAG K . 30.83 -15.35 13.45
C4 NAG K . 30.52 -15.75 14.89
C5 NAG K . 29.02 -16.06 15.02
C6 NAG K . 28.62 -16.37 16.44
C7 NAG K . 30.01 -14.67 10.57
C8 NAG K . 30.34 -14.10 9.23
N2 NAG K . 30.19 -13.84 11.62
O3 NAG K . 32.19 -14.94 13.35
O4 NAG K . 31.26 -16.91 15.25
O5 NAG K . 28.25 -14.93 14.60
O6 NAG K . 27.30 -15.90 16.72
O7 NAG K . 29.61 -15.82 10.71
C10 A1L0I L . -5.87 -21.80 4.17
C11 A1L0I L . -6.00 -20.30 4.42
C12 A1L0I L . -6.77 -19.58 3.32
C13 A1L0I L . -7.70 -20.23 2.61
C19 A1L0I L . -5.60 -15.41 4.69
C20 A1L0I L . -4.31 -15.23 4.23
C22 A1L0I L . -3.85 -16.14 3.28
C24 A1L0I L . -8.04 -21.73 2.85
C27 A1L0I L . -6.26 -27.16 7.59
C17 A1L0I L . -5.86 -17.24 3.35
C25 A1L0I L . -8.25 -22.30 1.46
C02 A1L0I L . -6.62 -25.57 5.67
C03 A1L0I L . -5.75 -26.37 6.39
C04 A1L0I L . -4.42 -26.44 6.02
C05 A1L0I L . -3.96 -25.72 4.93
C06 A1L0I L . -4.84 -24.93 4.20
C07 A1L0I L . -6.17 -24.84 4.58
C08 A1L0I L . -7.18 -23.98 3.80
F21 A1L0I L . -3.54 -14.21 4.69
F28 A1L0I L . -6.49 -28.45 7.20
F29 A1L0I L . -5.31 -27.16 8.57
F30 A1L0I L . -7.41 -26.61 8.06
N09 A1L0I L . -7.02 -22.52 3.61
N14 A1L0I L . -8.23 -19.37 1.71
N15 A1L0I L . -7.62 -18.17 1.88
N16 A1L0I L . -6.71 -18.30 2.87
N18 A1L0I L . -6.35 -16.40 4.24
N23 A1L0I L . -4.64 -17.11 2.88
O26 A1L0I L . -8.11 -24.54 3.35
CL01 A1L0I L . -8.34 -25.48 6.16
#